data_1VYN
#
_entry.id   1VYN
#
_cell.length_a   1.000
_cell.length_b   1.000
_cell.length_c   1.000
_cell.angle_alpha   90.00
_cell.angle_beta   90.00
_cell.angle_gamma   90.00
#
_symmetry.space_group_name_H-M   'P 1'
#
_entity_poly.entity_id   1
_entity_poly.type   'polypeptide(L)'
_entity_poly.pdbx_seq_one_letter_code
;GAMAMPMIEYLERFSLKAKINNTTNLDYSRRFLEPFLRGINVVYTPPQSFQSAPRVYRVNGLSRAPASSETFEHDGKKVT
IASYFHSRNYPLKFPQLHCLNVGSSIKSILLPIELCSIEEGQALNRKDGATQVANMIKYAATS
;
_entity_poly.pdbx_strand_id   A
#
# COMPACT_ATOMS: atom_id res chain seq x y z
N ALA A 4 1.16 4.77 -15.87
CA ALA A 4 1.13 4.11 -14.58
C ALA A 4 0.32 2.82 -14.64
N MET A 5 0.99 1.70 -14.39
CA MET A 5 0.33 0.41 -14.35
C MET A 5 -0.03 0.08 -12.91
N PRO A 6 -1.32 -0.03 -12.59
CA PRO A 6 -1.78 -0.35 -11.24
C PRO A 6 -1.01 -1.53 -10.66
N MET A 7 -0.39 -1.32 -9.50
CA MET A 7 0.43 -2.35 -8.87
C MET A 7 -0.45 -3.53 -8.48
N ILE A 8 -1.72 -3.26 -8.23
CA ILE A 8 -2.71 -4.30 -7.97
C ILE A 8 -2.88 -5.19 -9.20
N GLU A 9 -2.88 -4.55 -10.36
CA GLU A 9 -2.98 -5.26 -11.63
C GLU A 9 -1.77 -6.18 -11.79
N TYR A 10 -0.60 -5.67 -11.43
CA TYR A 10 0.64 -6.43 -11.47
C TYR A 10 0.53 -7.65 -10.54
N LEU A 11 0.01 -7.42 -9.35
CA LEU A 11 -0.14 -8.48 -8.36
C LEU A 11 -1.06 -9.58 -8.88
N GLU A 12 -2.20 -9.20 -9.42
CA GLU A 12 -3.17 -10.17 -9.91
C GLU A 12 -2.57 -11.02 -11.03
N ARG A 13 -2.02 -10.35 -12.02
CA ARG A 13 -1.49 -11.02 -13.21
C ARG A 13 -0.24 -11.84 -12.89
N PHE A 14 0.67 -11.25 -12.13
CA PHE A 14 1.99 -11.84 -11.97
C PHE A 14 2.17 -12.52 -10.61
N SER A 15 1.68 -11.92 -9.54
CA SER A 15 2.00 -12.41 -8.20
C SER A 15 1.03 -13.51 -7.75
N LEU A 16 -0.25 -13.37 -8.07
CA LEU A 16 -1.23 -14.39 -7.68
C LEU A 16 -1.46 -15.41 -8.80
N LYS A 17 -1.44 -14.93 -10.04
CA LYS A 17 -1.74 -15.76 -11.22
C LYS A 17 -3.24 -16.12 -11.23
N ALA A 18 -4.02 -15.40 -10.44
CA ALA A 18 -5.43 -15.72 -10.27
C ALA A 18 -6.25 -14.43 -10.07
N LYS A 19 -7.30 -14.52 -9.27
CA LYS A 19 -8.14 -13.36 -8.99
C LYS A 19 -7.54 -12.54 -7.84
N ILE A 20 -7.53 -11.23 -7.98
CA ILE A 20 -7.09 -10.37 -6.90
C ILE A 20 -8.28 -9.69 -6.23
N ASN A 21 -8.21 -9.62 -4.90
CA ASN A 21 -9.17 -8.90 -4.06
C ASN A 21 -8.78 -9.11 -2.60
N ASN A 22 -9.50 -8.53 -1.66
CA ASN A 22 -9.19 -8.74 -0.25
C ASN A 22 -9.72 -10.12 0.18
N THR A 23 -10.64 -10.66 -0.61
CA THR A 23 -11.21 -11.97 -0.34
C THR A 23 -10.28 -13.07 -0.83
N THR A 24 -9.31 -12.67 -1.66
CA THR A 24 -8.27 -13.57 -2.10
C THR A 24 -7.08 -13.46 -1.15
N ASN A 25 -6.29 -14.51 -1.05
CA ASN A 25 -5.22 -14.55 -0.04
C ASN A 25 -3.98 -13.79 -0.51
N LEU A 26 -4.17 -12.51 -0.75
CA LEU A 26 -3.07 -11.61 -1.10
C LEU A 26 -2.21 -11.33 0.12
N ASP A 27 -2.75 -11.68 1.29
CA ASP A 27 -2.02 -11.54 2.55
C ASP A 27 -0.70 -12.30 2.51
N TYR A 28 -0.77 -13.56 2.12
CA TYR A 28 0.42 -14.40 2.05
C TYR A 28 1.32 -13.93 0.91
N SER A 29 0.72 -13.43 -0.16
CA SER A 29 1.47 -12.84 -1.25
C SER A 29 2.20 -11.60 -0.78
N ARG A 30 1.53 -10.83 0.07
CA ARG A 30 2.10 -9.61 0.62
C ARG A 30 3.34 -9.93 1.45
N ARG A 31 3.24 -10.96 2.28
CA ARG A 31 4.33 -11.31 3.19
C ARG A 31 5.54 -11.87 2.45
N PHE A 32 5.29 -12.64 1.39
CA PHE A 32 6.38 -13.29 0.67
C PHE A 32 6.99 -12.35 -0.39
N LEU A 33 6.23 -11.34 -0.78
CA LEU A 33 6.66 -10.39 -1.79
C LEU A 33 7.49 -9.28 -1.16
N GLU A 34 7.55 -9.26 0.17
CA GLU A 34 8.26 -8.22 0.91
C GLU A 34 9.70 -8.05 0.40
N PRO A 35 10.52 -9.13 0.36
CA PRO A 35 11.90 -9.05 -0.15
C PRO A 35 11.94 -8.75 -1.65
N PHE A 36 10.86 -9.10 -2.32
CA PHE A 36 10.75 -8.92 -3.76
C PHE A 36 10.56 -7.45 -4.10
N LEU A 37 9.81 -6.76 -3.26
CA LEU A 37 9.51 -5.36 -3.46
C LEU A 37 10.54 -4.47 -2.76
N ARG A 38 11.27 -5.05 -1.82
CA ARG A 38 12.32 -4.34 -1.10
C ARG A 38 13.36 -3.78 -2.07
N GLY A 39 13.23 -2.49 -2.39
CA GLY A 39 14.15 -1.84 -3.29
C GLY A 39 13.53 -1.54 -4.64
N ILE A 40 12.27 -1.12 -4.65
CA ILE A 40 11.59 -0.76 -5.90
C ILE A 40 11.10 0.68 -5.83
N ASN A 41 10.56 1.18 -6.92
CA ASN A 41 9.97 2.52 -6.93
C ASN A 41 8.55 2.43 -7.46
N VAL A 42 7.63 3.09 -6.77
CA VAL A 42 6.23 3.06 -7.17
C VAL A 42 5.66 4.47 -7.19
N VAL A 43 4.74 4.70 -8.11
CA VAL A 43 4.03 5.96 -8.18
C VAL A 43 2.76 5.86 -7.35
N TYR A 44 2.68 6.63 -6.29
CA TYR A 44 1.52 6.60 -5.42
C TYR A 44 0.48 7.59 -5.93
N THR A 45 -0.65 7.05 -6.33
CA THR A 45 -1.76 7.87 -6.78
C THR A 45 -2.64 8.24 -5.60
N PRO A 46 -2.56 9.50 -5.15
CA PRO A 46 -3.27 9.97 -3.97
C PRO A 46 -4.71 10.33 -4.28
N PRO A 47 -5.63 9.92 -3.41
CA PRO A 47 -7.01 10.40 -3.44
C PRO A 47 -7.03 11.92 -3.39
N GLN A 48 -7.89 12.54 -4.17
CA GLN A 48 -7.85 13.99 -4.34
C GLN A 48 -8.25 14.74 -3.07
N SER A 49 -8.72 14.00 -2.07
CA SER A 49 -8.96 14.57 -0.75
C SER A 49 -7.62 14.94 -0.09
N PHE A 50 -6.56 14.27 -0.53
CA PHE A 50 -5.22 14.52 0.00
C PHE A 50 -4.64 15.79 -0.58
N GLN A 51 -5.05 16.13 -1.81
CA GLN A 51 -4.60 17.35 -2.49
C GLN A 51 -3.11 17.26 -2.83
N SER A 52 -2.67 16.04 -3.12
CA SER A 52 -1.28 15.78 -3.38
C SER A 52 -1.09 15.23 -4.79
N ALA A 53 0.07 15.49 -5.37
CA ALA A 53 0.40 15.03 -6.72
C ALA A 53 0.99 13.63 -6.67
N PRO A 54 0.66 12.78 -7.67
CA PRO A 54 1.19 11.41 -7.77
C PRO A 54 2.70 11.37 -7.55
N ARG A 55 3.10 10.84 -6.39
CA ARG A 55 4.48 10.92 -5.94
C ARG A 55 5.15 9.56 -6.07
N VAL A 56 6.38 9.57 -6.60
CA VAL A 56 7.16 8.35 -6.70
C VAL A 56 7.90 8.08 -5.40
N TYR A 57 7.53 7.00 -4.73
CA TYR A 57 8.14 6.65 -3.46
C TYR A 57 9.05 5.44 -3.63
N ARG A 58 10.17 5.47 -2.91
CA ARG A 58 11.12 4.38 -2.94
C ARG A 58 10.75 3.35 -1.87
N VAL A 59 10.44 2.16 -2.32
CA VAL A 59 9.98 1.09 -1.46
C VAL A 59 11.13 0.39 -0.76
N ASN A 60 11.17 0.56 0.56
CA ASN A 60 12.07 -0.19 1.41
C ASN A 60 11.53 -1.59 1.59
N GLY A 61 10.21 -1.71 1.58
CA GLY A 61 9.58 -3.01 1.67
C GLY A 61 8.12 -2.91 2.07
N LEU A 62 7.65 -3.86 2.85
CA LEU A 62 6.26 -3.89 3.28
C LEU A 62 6.19 -3.89 4.80
N SER A 63 5.08 -3.41 5.34
CA SER A 63 4.94 -3.27 6.78
C SER A 63 4.71 -4.61 7.46
N ARG A 64 5.28 -4.71 8.66
CA ARG A 64 5.18 -5.90 9.51
C ARG A 64 3.73 -6.22 9.90
N ALA A 65 2.82 -5.30 9.63
CA ALA A 65 1.42 -5.49 9.99
C ALA A 65 0.50 -4.99 8.89
N PRO A 66 -0.68 -5.62 8.76
CA PRO A 66 -1.72 -5.18 7.81
C PRO A 66 -2.26 -3.80 8.18
N ALA A 67 -2.72 -3.07 7.17
CA ALA A 67 -3.19 -1.68 7.35
C ALA A 67 -4.43 -1.61 8.25
N SER A 68 -5.02 -2.78 8.50
CA SER A 68 -6.16 -2.88 9.40
C SER A 68 -5.69 -2.81 10.86
N SER A 69 -4.41 -3.08 11.09
CA SER A 69 -3.88 -3.11 12.43
C SER A 69 -2.82 -2.02 12.61
N GLU A 70 -2.34 -1.47 11.50
CA GLU A 70 -1.25 -0.52 11.54
C GLU A 70 -1.72 0.87 11.92
N THR A 71 -1.29 1.31 13.09
CA THR A 71 -1.52 2.67 13.53
C THR A 71 -0.27 3.50 13.25
N PHE A 72 -0.44 4.79 13.08
CA PHE A 72 0.68 5.65 12.79
C PHE A 72 0.48 7.00 13.46
N GLU A 73 1.59 7.64 13.80
CA GLU A 73 1.56 8.91 14.49
C GLU A 73 1.41 10.06 13.49
N HIS A 74 0.29 10.75 13.59
CA HIS A 74 0.04 11.91 12.76
C HIS A 74 -0.33 13.09 13.64
N ASP A 75 0.66 13.92 13.95
CA ASP A 75 0.48 15.10 14.79
C ASP A 75 0.21 14.71 16.24
N GLY A 76 0.94 13.69 16.70
CA GLY A 76 0.83 13.26 18.09
C GLY A 76 -0.38 12.38 18.33
N LYS A 77 -1.05 11.99 17.25
CA LYS A 77 -2.24 11.16 17.36
C LYS A 77 -2.06 9.91 16.50
N LYS A 78 -2.44 8.77 17.04
CA LYS A 78 -2.35 7.52 16.29
C LYS A 78 -3.71 7.11 15.77
N VAL A 79 -3.77 6.85 14.48
CA VAL A 79 -4.98 6.33 13.85
C VAL A 79 -4.60 5.13 13.00
N THR A 80 -5.58 4.41 12.49
CA THR A 80 -5.31 3.23 11.68
C THR A 80 -5.55 3.58 10.22
N ILE A 81 -4.70 3.03 9.35
CA ILE A 81 -4.70 3.39 7.92
C ILE A 81 -6.01 3.04 7.24
N ALA A 82 -6.66 1.97 7.70
CA ALA A 82 -7.94 1.56 7.14
C ALA A 82 -9.00 2.65 7.34
N SER A 83 -9.12 3.14 8.57
CA SER A 83 -10.07 4.20 8.89
C SER A 83 -9.60 5.53 8.31
N TYR A 84 -8.29 5.66 8.27
CA TYR A 84 -7.60 6.86 7.79
C TYR A 84 -7.96 7.16 6.34
N PHE A 85 -7.89 6.16 5.47
CA PHE A 85 -8.27 6.34 4.08
C PHE A 85 -9.78 6.43 3.93
N HIS A 86 -10.50 5.65 4.73
CA HIS A 86 -11.96 5.56 4.62
C HIS A 86 -12.60 6.93 4.91
N SER A 87 -12.07 7.64 5.92
CA SER A 87 -12.58 8.95 6.27
C SER A 87 -12.08 10.00 5.27
N ARG A 88 -10.97 9.67 4.62
CA ARG A 88 -10.38 10.54 3.61
C ARG A 88 -11.08 10.35 2.25
N ASN A 89 -12.25 9.71 2.30
CA ASN A 89 -13.11 9.52 1.13
C ASN A 89 -12.50 8.53 0.14
N TYR A 90 -11.67 7.62 0.65
CA TYR A 90 -11.15 6.55 -0.17
C TYR A 90 -11.38 5.22 0.52
N PRO A 91 -12.54 4.59 0.29
CA PRO A 91 -12.82 3.26 0.84
C PRO A 91 -11.86 2.23 0.28
N LEU A 92 -11.08 1.62 1.15
CA LEU A 92 -10.05 0.70 0.72
C LEU A 92 -10.66 -0.62 0.28
N LYS A 93 -10.15 -1.13 -0.82
CA LYS A 93 -10.54 -2.43 -1.31
C LYS A 93 -9.63 -3.50 -0.72
N PHE A 94 -8.47 -3.08 -0.23
CA PHE A 94 -7.54 -3.99 0.42
C PHE A 94 -7.12 -3.46 1.80
N PRO A 95 -8.11 -3.13 2.69
CA PRO A 95 -7.81 -2.57 4.01
C PRO A 95 -7.23 -3.61 4.96
N GLN A 96 -7.60 -4.85 4.76
CA GLN A 96 -7.25 -5.92 5.68
C GLN A 96 -5.95 -6.59 5.28
N LEU A 97 -5.16 -5.88 4.48
CA LEU A 97 -3.90 -6.43 3.99
C LEU A 97 -2.75 -5.51 4.34
N HIS A 98 -1.53 -6.00 4.16
CA HIS A 98 -0.32 -5.27 4.53
C HIS A 98 -0.16 -3.99 3.72
N CYS A 99 0.47 -3.01 4.34
CA CYS A 99 0.69 -1.72 3.72
C CYS A 99 2.12 -1.61 3.23
N LEU A 100 2.31 -0.85 2.18
CA LEU A 100 3.61 -0.60 1.60
C LEU A 100 4.40 0.34 2.51
N ASN A 101 5.67 0.03 2.72
CA ASN A 101 6.52 0.85 3.56
C ASN A 101 7.55 1.55 2.69
N VAL A 102 7.35 2.83 2.46
CA VAL A 102 8.27 3.60 1.63
C VAL A 102 8.88 4.75 2.44
N GLY A 103 9.94 5.33 1.91
CA GLY A 103 10.56 6.46 2.58
C GLY A 103 11.82 6.08 3.32
N SER A 104 11.73 6.03 4.65
CA SER A 104 12.90 5.78 5.46
C SER A 104 12.55 4.98 6.70
N SER A 105 13.57 4.60 7.47
CA SER A 105 13.35 3.90 8.72
C SER A 105 12.88 4.89 9.79
N ILE A 106 13.40 6.12 9.71
CA ILE A 106 13.06 7.15 10.69
C ILE A 106 11.63 7.63 10.51
N LYS A 107 11.19 7.70 9.26
CA LYS A 107 9.81 8.00 8.95
C LYS A 107 9.36 7.05 7.85
N SER A 108 8.55 6.09 8.21
CA SER A 108 8.04 5.11 7.27
C SER A 108 6.66 5.52 6.78
N ILE A 109 6.57 5.77 5.48
CA ILE A 109 5.30 6.09 4.86
C ILE A 109 4.56 4.80 4.58
N LEU A 110 3.45 4.58 5.25
CA LEU A 110 2.74 3.33 5.10
C LEU A 110 1.47 3.53 4.27
N LEU A 111 1.43 2.88 3.12
CA LEU A 111 0.32 3.01 2.19
C LEU A 111 0.01 1.68 1.52
N PRO A 112 -1.22 1.19 1.62
CA PRO A 112 -1.65 -0.04 0.94
C PRO A 112 -1.30 0.00 -0.54
N ILE A 113 -0.78 -1.11 -1.05
CA ILE A 113 -0.30 -1.19 -2.43
C ILE A 113 -1.45 -0.96 -3.43
N GLU A 114 -2.68 -0.93 -2.91
CA GLU A 114 -3.87 -0.63 -3.70
C GLU A 114 -3.75 0.73 -4.40
N LEU A 115 -3.09 1.66 -3.75
CA LEU A 115 -3.01 3.03 -4.27
C LEU A 115 -1.67 3.27 -4.97
N CYS A 116 -0.96 2.20 -5.25
CA CYS A 116 0.35 2.31 -5.89
C CYS A 116 0.28 1.83 -7.32
N SER A 117 1.02 2.49 -8.17
CA SER A 117 1.15 2.09 -9.55
C SER A 117 2.63 1.92 -9.88
N ILE A 118 2.94 0.93 -10.66
CA ILE A 118 4.31 0.66 -11.03
C ILE A 118 4.62 1.30 -12.38
N GLU A 119 5.73 2.02 -12.44
CA GLU A 119 6.10 2.76 -13.63
C GLU A 119 6.60 1.78 -14.70
N GLU A 120 5.87 1.70 -15.81
CA GLU A 120 6.08 0.67 -16.81
C GLU A 120 7.47 0.75 -17.44
N ALA A 4 2.65 4.32 -15.79
CA ALA A 4 2.16 3.77 -14.54
C ALA A 4 1.16 2.66 -14.75
N MET A 5 1.57 1.45 -14.42
CA MET A 5 0.68 0.30 -14.42
C MET A 5 0.26 -0.01 -13.01
N PRO A 6 -1.04 -0.06 -12.74
CA PRO A 6 -1.56 -0.26 -11.38
C PRO A 6 -0.95 -1.51 -10.73
N MET A 7 -0.35 -1.33 -9.56
CA MET A 7 0.34 -2.43 -8.89
C MET A 7 -0.64 -3.51 -8.46
N ILE A 8 -1.91 -3.16 -8.29
CA ILE A 8 -2.96 -4.14 -8.05
C ILE A 8 -3.15 -5.01 -9.28
N GLU A 9 -3.21 -4.34 -10.43
CA GLU A 9 -3.26 -5.03 -11.71
C GLU A 9 -2.00 -5.89 -11.88
N TYR A 10 -0.89 -5.40 -11.37
CA TYR A 10 0.37 -6.13 -11.37
C TYR A 10 0.26 -7.37 -10.49
N LEU A 11 -0.40 -7.23 -9.34
CA LEU A 11 -0.63 -8.35 -8.43
C LEU A 11 -1.44 -9.43 -9.12
N GLU A 12 -2.53 -9.00 -9.75
CA GLU A 12 -3.45 -9.93 -10.40
C GLU A 12 -2.76 -10.71 -11.52
N ARG A 13 -2.11 -9.99 -12.42
CA ARG A 13 -1.51 -10.61 -13.60
C ARG A 13 -0.18 -11.30 -13.28
N PHE A 14 0.72 -10.56 -12.64
CA PHE A 14 2.11 -10.99 -12.55
C PHE A 14 2.39 -11.78 -11.27
N SER A 15 1.75 -11.43 -10.16
CA SER A 15 2.07 -12.06 -8.90
C SER A 15 1.19 -13.27 -8.62
N LEU A 16 -0.10 -13.15 -8.90
CA LEU A 16 -1.03 -14.24 -8.65
C LEU A 16 -1.22 -15.12 -9.88
N LYS A 17 -1.25 -14.47 -11.06
CA LYS A 17 -1.68 -15.14 -12.29
C LYS A 17 -3.10 -15.65 -12.12
N ALA A 18 -3.89 -14.89 -11.39
CA ALA A 18 -5.26 -15.26 -11.05
C ALA A 18 -6.11 -14.01 -10.91
N LYS A 19 -7.22 -14.11 -10.21
CA LYS A 19 -8.07 -12.96 -9.95
C LYS A 19 -7.71 -12.32 -8.61
N ILE A 20 -7.49 -11.01 -8.63
CA ILE A 20 -7.17 -10.27 -7.42
C ILE A 20 -8.45 -9.76 -6.77
N ASN A 21 -8.50 -9.81 -5.44
CA ASN A 21 -9.65 -9.33 -4.69
C ASN A 21 -9.30 -9.32 -3.20
N ASN A 22 -10.22 -8.84 -2.37
CA ASN A 22 -10.00 -8.81 -0.93
C ASN A 22 -10.08 -10.22 -0.35
N THR A 23 -10.69 -11.12 -1.10
CA THR A 23 -10.95 -12.48 -0.63
C THR A 23 -9.79 -13.42 -0.95
N THR A 24 -8.72 -12.89 -1.53
CA THR A 24 -7.55 -13.69 -1.83
C THR A 24 -6.60 -13.71 -0.63
N ASN A 25 -5.57 -14.54 -0.67
CA ASN A 25 -4.62 -14.65 0.43
C ASN A 25 -3.62 -13.49 0.40
N LEU A 26 -4.15 -12.27 0.34
CA LEU A 26 -3.34 -11.07 0.22
C LEU A 26 -2.41 -10.88 1.41
N ASP A 27 -2.78 -11.48 2.54
CA ASP A 27 -1.94 -11.44 3.74
C ASP A 27 -0.60 -12.08 3.43
N TYR A 28 -0.64 -13.29 2.90
CA TYR A 28 0.56 -14.03 2.56
C TYR A 28 1.21 -13.44 1.32
N SER A 29 0.38 -12.90 0.43
CA SER A 29 0.88 -12.29 -0.79
C SER A 29 1.78 -11.09 -0.48
N ARG A 30 1.45 -10.34 0.56
CA ARG A 30 2.30 -9.23 0.96
C ARG A 30 3.52 -9.73 1.70
N ARG A 31 3.29 -10.57 2.69
CA ARG A 31 4.37 -11.03 3.56
C ARG A 31 5.49 -11.70 2.76
N PHE A 32 5.11 -12.48 1.75
CA PHE A 32 6.09 -13.17 0.91
C PHE A 32 6.71 -12.21 -0.11
N LEU A 33 5.98 -11.15 -0.41
CA LEU A 33 6.39 -10.20 -1.44
C LEU A 33 7.30 -9.12 -0.85
N GLU A 34 7.42 -9.12 0.48
CA GLU A 34 8.16 -8.09 1.21
C GLU A 34 9.58 -7.91 0.65
N PRO A 35 10.41 -8.99 0.60
CA PRO A 35 11.78 -8.90 0.07
C PRO A 35 11.80 -8.62 -1.43
N PHE A 36 10.71 -8.94 -2.10
CA PHE A 36 10.61 -8.73 -3.54
C PHE A 36 10.42 -7.26 -3.87
N LEU A 37 9.70 -6.58 -3.01
CA LEU A 37 9.40 -5.16 -3.20
C LEU A 37 10.48 -4.29 -2.59
N ARG A 38 11.24 -4.87 -1.67
CA ARG A 38 12.34 -4.17 -1.02
C ARG A 38 13.38 -3.71 -2.03
N GLY A 39 13.31 -2.44 -2.42
CA GLY A 39 14.27 -1.89 -3.34
C GLY A 39 13.66 -1.52 -4.68
N ILE A 40 12.35 -1.26 -4.70
CA ILE A 40 11.67 -0.86 -5.93
C ILE A 40 11.14 0.56 -5.82
N ASN A 41 10.56 1.07 -6.88
CA ASN A 41 9.95 2.39 -6.86
C ASN A 41 8.58 2.35 -7.54
N VAL A 42 7.61 3.00 -6.91
CA VAL A 42 6.23 2.99 -7.40
C VAL A 42 5.66 4.40 -7.37
N VAL A 43 4.80 4.71 -8.32
CA VAL A 43 4.13 6.00 -8.37
C VAL A 43 2.80 5.94 -7.64
N TYR A 44 2.70 6.68 -6.56
CA TYR A 44 1.50 6.71 -5.74
C TYR A 44 0.55 7.78 -6.26
N THR A 45 -0.59 7.35 -6.75
CA THR A 45 -1.61 8.26 -7.25
C THR A 45 -2.67 8.50 -6.17
N PRO A 46 -2.67 9.70 -5.58
CA PRO A 46 -3.62 10.05 -4.52
C PRO A 46 -5.03 10.25 -5.06
N PRO A 47 -6.02 9.62 -4.42
CA PRO A 47 -7.43 9.79 -4.76
C PRO A 47 -7.86 11.25 -4.71
N GLN A 48 -8.97 11.55 -5.37
CA GLN A 48 -9.42 12.92 -5.59
C GLN A 48 -9.73 13.63 -4.27
N SER A 49 -9.90 12.84 -3.22
CA SER A 49 -10.16 13.38 -1.89
C SER A 49 -8.88 13.90 -1.24
N PHE A 50 -7.75 13.32 -1.62
CA PHE A 50 -6.47 13.72 -1.08
C PHE A 50 -5.90 14.90 -1.84
N GLN A 51 -6.18 14.98 -3.15
CA GLN A 51 -5.79 16.12 -4.00
C GLN A 51 -4.34 16.55 -3.74
N SER A 52 -3.45 15.58 -3.79
CA SER A 52 -2.03 15.83 -3.66
C SER A 52 -1.33 15.31 -4.92
N ALA A 53 -0.13 15.81 -5.17
CA ALA A 53 0.64 15.41 -6.35
C ALA A 53 1.07 13.96 -6.26
N PRO A 54 0.95 13.22 -7.38
CA PRO A 54 1.38 11.83 -7.46
C PRO A 54 2.87 11.70 -7.16
N ARG A 55 3.19 10.99 -6.08
CA ARG A 55 4.56 10.91 -5.62
C ARG A 55 5.16 9.55 -5.93
N VAL A 56 6.37 9.54 -6.47
CA VAL A 56 7.06 8.29 -6.69
C VAL A 56 7.84 7.92 -5.44
N TYR A 57 7.42 6.85 -4.80
CA TYR A 57 8.00 6.45 -3.54
C TYR A 57 8.90 5.25 -3.72
N ARG A 58 10.03 5.28 -3.05
CA ARG A 58 10.98 4.18 -3.09
C ARG A 58 10.58 3.15 -2.05
N VAL A 59 10.12 2.00 -2.52
CA VAL A 59 9.67 0.94 -1.64
C VAL A 59 10.85 0.29 -0.93
N ASN A 60 10.86 0.45 0.38
CA ASN A 60 11.90 -0.14 1.22
C ASN A 60 11.49 -1.53 1.66
N GLY A 61 10.19 -1.79 1.60
CA GLY A 61 9.67 -3.09 1.95
C GLY A 61 8.20 -3.02 2.32
N LEU A 62 7.76 -3.91 3.19
CA LEU A 62 6.38 -3.93 3.64
C LEU A 62 6.33 -3.97 5.16
N SER A 63 5.24 -3.49 5.73
CA SER A 63 5.08 -3.51 7.17
C SER A 63 4.37 -4.80 7.59
N ARG A 64 4.97 -5.46 8.57
CA ARG A 64 4.48 -6.74 9.11
C ARG A 64 3.00 -6.70 9.55
N ALA A 65 2.43 -5.51 9.68
CA ALA A 65 1.05 -5.38 10.10
C ALA A 65 0.18 -4.80 8.99
N PRO A 66 -1.00 -5.41 8.77
CA PRO A 66 -1.99 -4.94 7.81
C PRO A 66 -2.55 -3.57 8.19
N ALA A 67 -2.92 -2.79 7.18
CA ALA A 67 -3.36 -1.41 7.35
C ALA A 67 -4.57 -1.28 8.27
N SER A 68 -5.27 -2.39 8.49
CA SER A 68 -6.44 -2.39 9.36
C SER A 68 -6.04 -2.29 10.83
N SER A 69 -4.86 -2.80 11.18
CA SER A 69 -4.42 -2.80 12.57
C SER A 69 -3.09 -2.05 12.74
N GLU A 70 -2.47 -1.68 11.63
CA GLU A 70 -1.20 -0.97 11.69
C GLU A 70 -1.40 0.51 11.96
N THR A 71 -0.67 1.04 12.92
CA THR A 71 -0.80 2.42 13.30
C THR A 71 0.34 3.27 12.76
N PHE A 72 0.04 4.52 12.47
CA PHE A 72 1.03 5.48 12.01
C PHE A 72 0.60 6.87 12.50
N GLU A 73 1.57 7.75 12.67
CA GLU A 73 1.28 9.07 13.21
C GLU A 73 0.94 10.05 12.09
N HIS A 74 -0.27 10.55 12.13
CA HIS A 74 -0.76 11.55 11.20
C HIS A 74 -1.54 12.60 11.97
N ASP A 75 -1.18 13.86 11.77
CA ASP A 75 -1.82 14.98 12.48
C ASP A 75 -1.63 14.82 14.00
N GLY A 76 -0.48 14.28 14.39
CA GLY A 76 -0.18 14.11 15.79
C GLY A 76 -0.90 12.94 16.44
N LYS A 77 -1.64 12.19 15.64
CA LYS A 77 -2.38 11.04 16.15
C LYS A 77 -1.89 9.77 15.49
N LYS A 78 -1.82 8.69 16.25
CA LYS A 78 -1.50 7.40 15.67
C LYS A 78 -2.78 6.64 15.41
N VAL A 79 -3.10 6.48 14.14
CA VAL A 79 -4.35 5.88 13.71
C VAL A 79 -4.04 4.71 12.80
N THR A 80 -5.06 4.07 12.26
CA THR A 80 -4.86 2.95 11.38
C THR A 80 -5.26 3.36 9.97
N ILE A 81 -4.51 2.88 8.99
CA ILE A 81 -4.64 3.32 7.61
C ILE A 81 -6.01 2.97 7.02
N ALA A 82 -6.60 1.88 7.49
CA ALA A 82 -7.91 1.46 6.99
C ALA A 82 -8.99 2.50 7.30
N SER A 83 -9.07 2.91 8.56
CA SER A 83 -10.04 3.92 8.97
C SER A 83 -9.61 5.30 8.48
N TYR A 84 -8.31 5.47 8.38
CA TYR A 84 -7.71 6.72 7.92
C TYR A 84 -8.14 7.04 6.49
N PHE A 85 -8.03 6.07 5.58
CA PHE A 85 -8.47 6.27 4.21
C PHE A 85 -10.00 6.27 4.12
N HIS A 86 -10.63 5.47 4.98
CA HIS A 86 -12.09 5.39 5.00
C HIS A 86 -12.70 6.77 5.28
N SER A 87 -12.15 7.47 6.27
CA SER A 87 -12.62 8.80 6.60
C SER A 87 -12.19 9.80 5.52
N ARG A 88 -11.05 9.51 4.91
CA ARG A 88 -10.50 10.36 3.85
C ARG A 88 -11.14 10.06 2.50
N ASN A 89 -12.28 9.36 2.53
CA ASN A 89 -13.14 9.16 1.36
C ASN A 89 -12.57 8.15 0.38
N TYR A 90 -11.78 7.21 0.86
CA TYR A 90 -11.36 6.10 0.02
C TYR A 90 -11.46 4.79 0.79
N PRO A 91 -12.58 4.08 0.63
CA PRO A 91 -12.74 2.75 1.23
C PRO A 91 -11.89 1.71 0.50
N LEU A 92 -10.82 1.27 1.17
CA LEU A 92 -9.86 0.34 0.59
C LEU A 92 -10.54 -0.94 0.11
N LYS A 93 -10.15 -1.39 -1.07
CA LYS A 93 -10.65 -2.66 -1.61
C LYS A 93 -10.08 -3.81 -0.82
N PHE A 94 -8.91 -3.59 -0.24
CA PHE A 94 -8.20 -4.59 0.53
C PHE A 94 -7.83 -3.98 1.89
N PRO A 95 -8.81 -3.77 2.78
CA PRO A 95 -8.59 -3.19 4.10
C PRO A 95 -7.50 -3.93 4.91
N GLN A 96 -7.26 -5.18 4.56
CA GLN A 96 -6.34 -6.02 5.31
C GLN A 96 -4.99 -6.17 4.61
N LEU A 97 -4.71 -5.26 3.67
CA LEU A 97 -3.40 -5.23 3.01
C LEU A 97 -2.33 -4.73 3.97
N HIS A 98 -1.20 -5.44 4.00
CA HIS A 98 -0.04 -4.97 4.72
C HIS A 98 0.42 -3.63 4.18
N CYS A 99 0.78 -2.75 5.08
CA CYS A 99 1.15 -1.39 4.72
C CYS A 99 2.45 -1.38 3.93
N LEU A 100 2.42 -0.78 2.76
CA LEU A 100 3.62 -0.61 1.97
C LEU A 100 4.54 0.37 2.66
N ASN A 101 5.80 -0.01 2.80
CA ASN A 101 6.75 0.80 3.51
C ASN A 101 7.69 1.46 2.52
N VAL A 102 7.44 2.73 2.28
CA VAL A 102 8.23 3.46 1.29
C VAL A 102 9.02 4.58 1.95
N GLY A 103 10.00 5.08 1.22
CA GLY A 103 10.83 6.15 1.74
C GLY A 103 12.20 5.66 2.13
N SER A 104 12.52 5.80 3.40
CA SER A 104 13.82 5.38 3.91
C SER A 104 13.71 4.92 5.36
N SER A 105 14.82 4.46 5.91
CA SER A 105 14.86 4.07 7.31
C SER A 105 14.53 5.26 8.22
N ILE A 106 14.96 6.45 7.81
CA ILE A 106 14.79 7.65 8.63
C ILE A 106 13.36 8.15 8.58
N LYS A 107 12.67 7.93 7.46
CA LYS A 107 11.26 8.26 7.37
C LYS A 107 10.54 7.14 6.65
N SER A 108 9.78 6.36 7.40
CA SER A 108 9.08 5.21 6.85
C SER A 108 7.62 5.54 6.58
N ILE A 109 7.30 5.72 5.32
CA ILE A 109 5.94 6.02 4.90
C ILE A 109 5.15 4.72 4.79
N LEU A 110 3.98 4.68 5.39
CA LEU A 110 3.13 3.50 5.30
C LEU A 110 1.86 3.82 4.53
N LEU A 111 1.70 3.16 3.39
CA LEU A 111 0.49 3.31 2.58
C LEU A 111 0.20 2.03 1.80
N PRO A 112 -1.08 1.71 1.55
CA PRO A 112 -1.46 0.47 0.85
C PRO A 112 -1.06 0.51 -0.63
N ILE A 113 -0.60 -0.62 -1.14
CA ILE A 113 -0.08 -0.73 -2.51
C ILE A 113 -1.20 -0.54 -3.55
N GLU A 114 -2.46 -0.54 -3.09
CA GLU A 114 -3.62 -0.32 -3.95
C GLU A 114 -3.46 0.99 -4.75
N LEU A 115 -2.95 2.01 -4.11
CA LEU A 115 -2.89 3.33 -4.71
C LEU A 115 -1.53 3.61 -5.33
N CYS A 116 -0.77 2.56 -5.55
CA CYS A 116 0.55 2.68 -6.14
C CYS A 116 0.57 1.99 -7.50
N SER A 117 1.27 2.58 -8.44
CA SER A 117 1.43 2.00 -9.75
C SER A 117 2.91 1.75 -10.03
N ILE A 118 3.20 0.68 -10.74
CA ILE A 118 4.55 0.35 -11.09
C ILE A 118 4.84 0.80 -12.54
N GLU A 119 6.01 1.40 -12.75
CA GLU A 119 6.38 1.88 -14.08
C GLU A 119 6.64 0.71 -15.01
N GLU A 120 5.84 0.62 -16.07
CA GLU A 120 5.94 -0.47 -17.02
C GLU A 120 7.28 -0.46 -17.74
N ALA A 4 2.38 4.38 -16.35
CA ALA A 4 2.31 3.73 -15.05
C ALA A 4 1.24 2.64 -15.08
N MET A 5 1.62 1.45 -14.64
CA MET A 5 0.77 0.28 -14.69
C MET A 5 0.36 -0.13 -13.27
N PRO A 6 -0.94 -0.10 -12.94
CA PRO A 6 -1.45 -0.42 -11.60
C PRO A 6 -0.76 -1.63 -10.97
N MET A 7 -0.21 -1.44 -9.77
CA MET A 7 0.57 -2.48 -9.11
C MET A 7 -0.28 -3.69 -8.75
N ILE A 8 -1.56 -3.46 -8.47
CA ILE A 8 -2.48 -4.58 -8.19
C ILE A 8 -2.68 -5.41 -9.46
N GLU A 9 -2.75 -4.72 -10.60
CA GLU A 9 -2.83 -5.38 -11.90
C GLU A 9 -1.58 -6.23 -12.12
N TYR A 10 -0.44 -5.67 -11.72
CA TYR A 10 0.83 -6.38 -11.81
C TYR A 10 0.83 -7.61 -10.91
N LEU A 11 0.40 -7.43 -9.67
CA LEU A 11 0.34 -8.53 -8.71
C LEU A 11 -0.62 -9.61 -9.19
N GLU A 12 -1.74 -9.19 -9.74
CA GLU A 12 -2.76 -10.10 -10.25
C GLU A 12 -2.20 -10.94 -11.40
N ARG A 13 -1.65 -10.26 -12.40
CA ARG A 13 -1.18 -10.93 -13.61
C ARG A 13 0.11 -11.70 -13.38
N PHE A 14 1.08 -11.07 -12.74
CA PHE A 14 2.43 -11.61 -12.70
C PHE A 14 2.74 -12.36 -11.41
N SER A 15 2.30 -11.82 -10.27
CA SER A 15 2.67 -12.40 -8.99
C SER A 15 1.77 -13.58 -8.62
N LEU A 16 0.48 -13.44 -8.87
CA LEU A 16 -0.47 -14.49 -8.55
C LEU A 16 -0.71 -15.42 -9.74
N LYS A 17 -0.53 -14.87 -10.94
CA LYS A 17 -0.80 -15.59 -12.19
C LYS A 17 -2.29 -15.94 -12.27
N ALA A 18 -3.10 -15.14 -11.58
CA ALA A 18 -4.53 -15.40 -11.47
C ALA A 18 -5.29 -14.09 -11.34
N LYS A 19 -6.37 -14.09 -10.57
CA LYS A 19 -7.14 -12.88 -10.32
C LYS A 19 -7.03 -12.46 -8.85
N ILE A 20 -6.89 -11.15 -8.64
CA ILE A 20 -6.75 -10.60 -7.29
C ILE A 20 -8.12 -10.38 -6.66
N ASN A 21 -8.23 -10.78 -5.40
CA ASN A 21 -9.43 -10.52 -4.61
C ASN A 21 -9.15 -10.85 -3.16
N ASN A 22 -10.02 -10.43 -2.26
CA ASN A 22 -9.80 -10.66 -0.82
C ASN A 22 -9.84 -12.16 -0.50
N THR A 23 -10.37 -12.94 -1.44
CA THR A 23 -10.47 -14.38 -1.27
C THR A 23 -9.16 -15.08 -1.62
N THR A 24 -8.22 -14.32 -2.18
CA THR A 24 -6.92 -14.88 -2.53
C THR A 24 -5.91 -14.66 -1.39
N ASN A 25 -6.39 -13.99 -0.35
CA ASN A 25 -5.62 -13.72 0.86
C ASN A 25 -4.41 -12.84 0.55
N LEU A 26 -4.68 -11.55 0.28
CA LEU A 26 -3.61 -10.60 -0.03
C LEU A 26 -2.66 -10.45 1.14
N ASP A 27 -3.17 -10.80 2.32
CA ASP A 27 -2.38 -10.80 3.54
C ASP A 27 -1.14 -11.66 3.35
N TYR A 28 -1.36 -12.86 2.83
CA TYR A 28 -0.27 -13.80 2.60
C TYR A 28 0.62 -13.32 1.47
N SER A 29 0.01 -12.74 0.44
CA SER A 29 0.76 -12.25 -0.69
C SER A 29 1.64 -11.06 -0.28
N ARG A 30 1.15 -10.24 0.63
CA ARG A 30 1.94 -9.09 1.11
C ARG A 30 3.18 -9.57 1.85
N ARG A 31 3.04 -10.65 2.61
CA ARG A 31 4.18 -11.23 3.31
C ARG A 31 5.21 -11.76 2.31
N PHE A 32 4.72 -12.36 1.24
CA PHE A 32 5.55 -12.96 0.21
C PHE A 32 6.10 -11.90 -0.76
N LEU A 33 5.36 -10.81 -0.92
CA LEU A 33 5.75 -9.71 -1.81
C LEU A 33 6.78 -8.80 -1.15
N GLU A 34 6.99 -8.99 0.15
CA GLU A 34 7.86 -8.11 0.92
C GLU A 34 9.28 -8.03 0.34
N PRO A 35 9.98 -9.19 0.17
CA PRO A 35 11.34 -9.21 -0.37
C PRO A 35 11.40 -8.77 -1.84
N PHE A 36 10.28 -8.95 -2.54
CA PHE A 36 10.20 -8.59 -3.95
C PHE A 36 10.14 -7.07 -4.11
N LEU A 37 9.44 -6.43 -3.19
CA LEU A 37 9.24 -4.99 -3.23
C LEU A 37 10.44 -4.25 -2.65
N ARG A 38 11.26 -4.95 -1.90
CA ARG A 38 12.49 -4.38 -1.34
C ARG A 38 13.35 -3.72 -2.42
N GLY A 39 13.38 -2.39 -2.41
CA GLY A 39 14.24 -1.65 -3.29
C GLY A 39 13.62 -1.34 -4.64
N ILE A 40 12.31 -1.14 -4.66
CA ILE A 40 11.64 -0.82 -5.92
C ILE A 40 11.13 0.61 -5.90
N ASN A 41 10.60 1.07 -7.02
CA ASN A 41 10.01 2.40 -7.09
C ASN A 41 8.60 2.30 -7.65
N VAL A 42 7.67 2.97 -7.02
CA VAL A 42 6.29 2.94 -7.46
C VAL A 42 5.70 4.34 -7.50
N VAL A 43 4.80 4.56 -8.43
CA VAL A 43 4.11 5.82 -8.54
C VAL A 43 2.87 5.79 -7.68
N TYR A 44 2.90 6.49 -6.56
CA TYR A 44 1.77 6.50 -5.64
C TYR A 44 0.81 7.60 -6.01
N THR A 45 -0.40 7.21 -6.37
CA THR A 45 -1.43 8.16 -6.71
C THR A 45 -2.38 8.31 -5.54
N PRO A 46 -2.29 9.45 -4.83
CA PRO A 46 -3.17 9.73 -3.70
C PRO A 46 -4.59 9.98 -4.17
N PRO A 47 -5.58 9.32 -3.53
CA PRO A 47 -6.99 9.51 -3.82
C PRO A 47 -7.35 10.99 -3.94
N GLN A 48 -8.28 11.29 -4.84
CA GLN A 48 -8.62 12.67 -5.19
C GLN A 48 -9.05 13.50 -3.97
N SER A 49 -9.51 12.84 -2.92
CA SER A 49 -9.91 13.53 -1.71
C SER A 49 -8.69 13.99 -0.91
N PHE A 50 -7.53 13.39 -1.19
CA PHE A 50 -6.28 13.78 -0.56
C PHE A 50 -5.81 15.12 -1.11
N GLN A 51 -6.05 15.34 -2.40
CA GLN A 51 -5.59 16.54 -3.09
C GLN A 51 -4.08 16.65 -3.00
N SER A 52 -3.43 15.52 -3.22
CA SER A 52 -1.98 15.43 -3.19
C SER A 52 -1.48 14.91 -4.54
N ALA A 53 -0.31 15.38 -4.95
CA ALA A 53 0.25 15.02 -6.25
C ALA A 53 0.84 13.61 -6.22
N PRO A 54 0.58 12.82 -7.28
CA PRO A 54 1.16 11.48 -7.41
C PRO A 54 2.68 11.51 -7.40
N ARG A 55 3.27 10.91 -6.38
CA ARG A 55 4.71 10.96 -6.19
C ARG A 55 5.31 9.57 -6.33
N VAL A 56 6.48 9.49 -6.94
CA VAL A 56 7.20 8.23 -7.04
C VAL A 56 7.95 7.96 -5.74
N TYR A 57 7.62 6.87 -5.10
CA TYR A 57 8.23 6.52 -3.83
C TYR A 57 9.04 5.24 -3.98
N ARG A 58 10.11 5.15 -3.21
CA ARG A 58 10.94 3.96 -3.20
C ARG A 58 10.53 3.05 -2.06
N VAL A 59 10.15 1.83 -2.42
CA VAL A 59 9.75 0.84 -1.45
C VAL A 59 10.95 0.22 -0.78
N ASN A 60 11.06 0.43 0.53
CA ASN A 60 12.04 -0.27 1.33
C ASN A 60 11.48 -1.63 1.71
N GLY A 61 10.17 -1.68 1.87
CA GLY A 61 9.50 -2.94 2.12
C GLY A 61 8.04 -2.77 2.50
N LEU A 62 7.51 -3.77 3.19
CA LEU A 62 6.12 -3.76 3.63
C LEU A 62 6.06 -3.85 5.14
N SER A 63 5.06 -3.21 5.72
CA SER A 63 4.84 -3.29 7.15
C SER A 63 4.14 -4.61 7.46
N ARG A 64 4.77 -5.40 8.31
CA ARG A 64 4.26 -6.72 8.68
C ARG A 64 2.92 -6.63 9.41
N ALA A 65 2.51 -5.42 9.79
CA ALA A 65 1.19 -5.20 10.34
C ALA A 65 0.27 -4.60 9.27
N PRO A 66 -0.91 -5.23 9.06
CA PRO A 66 -1.90 -4.76 8.10
C PRO A 66 -2.46 -3.39 8.48
N ALA A 67 -2.89 -2.65 7.46
CA ALA A 67 -3.38 -1.28 7.65
C ALA A 67 -4.59 -1.22 8.57
N SER A 68 -5.24 -2.37 8.73
CA SER A 68 -6.41 -2.48 9.59
C SER A 68 -6.02 -2.47 11.07
N SER A 69 -4.82 -2.96 11.38
CA SER A 69 -4.42 -3.14 12.77
C SER A 69 -3.18 -2.32 13.15
N GLU A 70 -2.53 -1.73 12.15
CA GLU A 70 -1.32 -0.93 12.42
C GLU A 70 -1.71 0.52 12.67
N THR A 71 -1.20 1.07 13.78
CA THR A 71 -1.50 2.45 14.13
C THR A 71 -0.26 3.35 14.05
N PHE A 72 -0.36 4.38 13.24
CA PHE A 72 0.65 5.42 13.23
C PHE A 72 0.11 6.66 13.94
N GLU A 73 1.01 7.48 14.47
CA GLU A 73 0.61 8.65 15.22
C GLU A 73 0.61 9.88 14.33
N HIS A 74 -0.50 10.60 14.33
CA HIS A 74 -0.67 11.80 13.55
C HIS A 74 -1.33 12.88 14.40
N ASP A 75 -0.64 13.98 14.63
CA ASP A 75 -1.13 15.07 15.49
C ASP A 75 -1.28 14.58 16.94
N GLY A 76 -0.48 13.60 17.31
CA GLY A 76 -0.57 13.02 18.64
C GLY A 76 -1.75 12.07 18.77
N LYS A 77 -2.28 11.65 17.64
CA LYS A 77 -3.41 10.72 17.62
C LYS A 77 -3.00 9.49 16.82
N LYS A 78 -3.11 8.30 17.39
CA LYS A 78 -2.77 7.10 16.66
C LYS A 78 -4.00 6.50 16.01
N VAL A 79 -3.92 6.26 14.72
CA VAL A 79 -5.03 5.76 13.94
C VAL A 79 -4.56 4.59 13.08
N THR A 80 -5.50 3.84 12.53
CA THR A 80 -5.15 2.74 11.65
C THR A 80 -5.27 3.21 10.22
N ILE A 81 -4.37 2.74 9.36
CA ILE A 81 -4.29 3.22 7.98
C ILE A 81 -5.59 2.91 7.23
N ALA A 82 -6.29 1.85 7.63
CA ALA A 82 -7.56 1.49 7.02
C ALA A 82 -8.63 2.55 7.27
N SER A 83 -8.80 2.95 8.53
CA SER A 83 -9.78 3.97 8.89
C SER A 83 -9.28 5.35 8.44
N TYR A 84 -7.96 5.47 8.43
CA TYR A 84 -7.29 6.70 8.00
C TYR A 84 -7.64 7.03 6.55
N PHE A 85 -7.56 6.06 5.66
CA PHE A 85 -7.94 6.27 4.28
C PHE A 85 -9.46 6.34 4.14
N HIS A 86 -10.17 5.55 4.94
CA HIS A 86 -11.62 5.49 4.87
C HIS A 86 -12.23 6.86 5.17
N SER A 87 -11.77 7.51 6.23
CA SER A 87 -12.28 8.83 6.59
C SER A 87 -11.75 9.89 5.62
N ARG A 88 -10.67 9.54 4.94
CA ARG A 88 -10.11 10.42 3.91
C ARG A 88 -10.83 10.22 2.58
N ASN A 89 -11.98 9.53 2.65
CA ASN A 89 -12.86 9.32 1.50
C ASN A 89 -12.29 8.32 0.51
N TYR A 90 -11.58 7.32 1.03
CA TYR A 90 -11.16 6.19 0.22
C TYR A 90 -11.33 4.89 0.99
N PRO A 91 -12.51 4.27 0.87
CA PRO A 91 -12.75 2.95 1.46
C PRO A 91 -11.90 1.89 0.77
N LEU A 92 -10.92 1.37 1.48
CA LEU A 92 -9.95 0.43 0.91
C LEU A 92 -10.65 -0.77 0.27
N LYS A 93 -10.19 -1.12 -0.92
CA LYS A 93 -10.70 -2.28 -1.64
C LYS A 93 -10.32 -3.55 -0.89
N PHE A 94 -9.24 -3.46 -0.15
CA PHE A 94 -8.75 -4.55 0.68
C PHE A 94 -8.20 -3.96 1.98
N PRO A 95 -9.10 -3.60 2.91
CA PRO A 95 -8.74 -2.98 4.21
C PRO A 95 -7.67 -3.76 4.99
N GLN A 96 -7.45 -5.01 4.63
CA GLN A 96 -6.52 -5.87 5.35
C GLN A 96 -5.14 -5.87 4.70
N LEU A 97 -4.94 -4.95 3.76
CA LEU A 97 -3.64 -4.81 3.10
C LEU A 97 -2.56 -4.36 4.07
N HIS A 98 -1.45 -5.07 4.07
CA HIS A 98 -0.28 -4.66 4.82
C HIS A 98 0.24 -3.33 4.28
N CYS A 99 0.68 -2.48 5.20
CA CYS A 99 1.07 -1.12 4.86
C CYS A 99 2.39 -1.11 4.11
N LEU A 100 2.39 -0.62 2.88
CA LEU A 100 3.62 -0.42 2.15
C LEU A 100 4.43 0.64 2.85
N ASN A 101 5.71 0.40 3.00
CA ASN A 101 6.56 1.32 3.73
C ASN A 101 7.59 1.90 2.80
N VAL A 102 7.36 3.13 2.41
CA VAL A 102 8.25 3.83 1.50
C VAL A 102 8.80 5.08 2.15
N GLY A 103 9.84 5.64 1.56
CA GLY A 103 10.40 6.87 2.09
C GLY A 103 11.74 6.65 2.76
N SER A 104 11.76 6.79 4.08
CA SER A 104 12.99 6.66 4.83
C SER A 104 12.70 6.11 6.22
N SER A 105 13.76 5.86 6.99
CA SER A 105 13.61 5.41 8.36
C SER A 105 13.05 6.54 9.24
N ILE A 106 13.58 7.74 9.06
CA ILE A 106 13.16 8.89 9.85
C ILE A 106 11.74 9.33 9.48
N LYS A 107 11.35 9.08 8.24
CA LYS A 107 10.01 9.43 7.77
C LYS A 107 9.45 8.26 6.99
N SER A 108 8.50 7.56 7.58
CA SER A 108 7.96 6.35 7.00
C SER A 108 6.58 6.61 6.43
N ILE A 109 6.44 6.43 5.13
CA ILE A 109 5.18 6.63 4.46
C ILE A 109 4.47 5.30 4.31
N LEU A 110 3.33 5.15 4.96
CA LEU A 110 2.62 3.88 4.94
C LEU A 110 1.37 3.98 4.05
N LEU A 111 1.37 3.21 2.97
CA LEU A 111 0.28 3.24 2.00
C LEU A 111 -0.03 1.84 1.46
N PRO A 112 -1.30 1.51 1.20
CA PRO A 112 -1.66 0.24 0.55
C PRO A 112 -1.29 0.25 -0.93
N ILE A 113 -0.78 -0.88 -1.40
CA ILE A 113 -0.22 -0.98 -2.75
C ILE A 113 -1.28 -0.78 -3.85
N GLU A 114 -2.56 -0.81 -3.49
CA GLU A 114 -3.63 -0.57 -4.46
C GLU A 114 -3.57 0.86 -5.00
N LEU A 115 -2.96 1.75 -4.23
CA LEU A 115 -2.86 3.15 -4.62
C LEU A 115 -1.54 3.43 -5.33
N CYS A 116 -0.85 2.36 -5.70
CA CYS A 116 0.43 2.49 -6.36
C CYS A 116 0.38 1.88 -7.75
N SER A 117 1.06 2.52 -8.68
CA SER A 117 1.24 1.95 -10.00
C SER A 117 2.73 1.80 -10.27
N ILE A 118 3.09 0.76 -10.99
CA ILE A 118 4.48 0.49 -11.28
C ILE A 118 4.84 1.03 -12.65
N GLU A 119 6.03 1.59 -12.78
CA GLU A 119 6.47 2.11 -14.06
C GLU A 119 6.93 0.95 -14.94
N GLU A 120 6.20 0.68 -16.01
CA GLU A 120 6.52 -0.46 -16.85
C GLU A 120 7.58 -0.09 -17.88
N ALA A 4 2.46 4.13 -15.96
CA ALA A 4 2.13 3.66 -14.62
C ALA A 4 1.18 2.47 -14.68
N MET A 5 1.68 1.32 -14.29
CA MET A 5 0.91 0.08 -14.33
C MET A 5 0.36 -0.21 -12.94
N PRO A 6 -0.98 -0.32 -12.80
CA PRO A 6 -1.61 -0.59 -11.50
C PRO A 6 -1.02 -1.83 -10.82
N MET A 7 -0.41 -1.63 -9.65
CA MET A 7 0.34 -2.71 -8.99
C MET A 7 -0.57 -3.86 -8.59
N ILE A 8 -1.83 -3.57 -8.26
CA ILE A 8 -2.79 -4.61 -7.94
C ILE A 8 -3.07 -5.46 -9.18
N GLU A 9 -3.15 -4.80 -10.33
CA GLU A 9 -3.34 -5.51 -11.60
C GLU A 9 -2.08 -6.30 -11.93
N TYR A 10 -0.92 -5.70 -11.64
CA TYR A 10 0.36 -6.37 -11.79
C TYR A 10 0.38 -7.66 -10.98
N LEU A 11 -0.14 -7.58 -9.75
CA LEU A 11 -0.24 -8.73 -8.88
C LEU A 11 -1.20 -9.77 -9.45
N GLU A 12 -2.38 -9.31 -9.84
CA GLU A 12 -3.41 -10.20 -10.36
C GLU A 12 -2.95 -10.91 -11.63
N ARG A 13 -2.40 -10.14 -12.56
CA ARG A 13 -2.01 -10.66 -13.86
C ARG A 13 -0.79 -11.57 -13.80
N PHE A 14 0.27 -11.13 -13.13
CA PHE A 14 1.54 -11.86 -13.17
C PHE A 14 1.81 -12.68 -11.92
N SER A 15 1.70 -12.06 -10.75
CA SER A 15 2.14 -12.69 -9.51
C SER A 15 1.14 -13.73 -9.00
N LEU A 16 -0.15 -13.42 -9.10
CA LEU A 16 -1.18 -14.32 -8.61
C LEU A 16 -1.67 -15.26 -9.70
N LYS A 17 -1.78 -14.72 -10.92
CA LYS A 17 -2.40 -15.43 -12.04
C LYS A 17 -3.86 -15.75 -11.72
N ALA A 18 -4.41 -14.99 -10.80
CA ALA A 18 -5.77 -15.17 -10.33
C ALA A 18 -6.32 -13.82 -9.88
N LYS A 19 -7.64 -13.69 -9.88
CA LYS A 19 -8.27 -12.41 -9.61
C LYS A 19 -8.11 -12.03 -8.15
N ILE A 20 -7.62 -10.81 -7.92
CA ILE A 20 -7.31 -10.34 -6.58
C ILE A 20 -8.55 -10.02 -5.79
N ASN A 21 -8.70 -10.73 -4.69
CA ASN A 21 -9.71 -10.40 -3.71
C ASN A 21 -9.14 -10.64 -2.32
N ASN A 22 -9.90 -10.35 -1.27
CA ASN A 22 -9.40 -10.58 0.09
C ASN A 22 -9.46 -12.07 0.41
N THR A 23 -10.05 -12.83 -0.50
CA THR A 23 -10.19 -14.26 -0.34
C THR A 23 -8.91 -14.99 -0.73
N THR A 24 -8.06 -14.33 -1.51
CA THR A 24 -6.78 -14.89 -1.89
C THR A 24 -5.74 -14.65 -0.80
N ASN A 25 -6.19 -13.93 0.23
CA ASN A 25 -5.36 -13.58 1.38
C ASN A 25 -4.23 -12.64 0.99
N LEU A 26 -4.56 -11.35 0.90
CA LEU A 26 -3.55 -10.34 0.57
C LEU A 26 -2.51 -10.26 1.68
N ASP A 27 -2.86 -10.78 2.86
CA ASP A 27 -1.93 -10.90 3.97
C ASP A 27 -0.71 -11.71 3.51
N TYR A 28 -0.98 -12.87 2.94
CA TYR A 28 0.07 -13.76 2.46
C TYR A 28 0.68 -13.23 1.18
N SER A 29 -0.17 -12.65 0.33
CA SER A 29 0.30 -12.10 -0.95
C SER A 29 1.29 -10.97 -0.73
N ARG A 30 1.04 -10.11 0.26
CA ARG A 30 1.98 -9.05 0.57
C ARG A 30 3.19 -9.61 1.28
N ARG A 31 2.94 -10.53 2.19
CA ARG A 31 3.98 -11.10 3.02
C ARG A 31 5.07 -11.73 2.16
N PHE A 32 4.65 -12.41 1.09
CA PHE A 32 5.60 -13.05 0.17
C PHE A 32 6.11 -12.03 -0.85
N LEU A 33 5.44 -10.89 -0.91
CA LEU A 33 5.75 -9.84 -1.88
C LEU A 33 6.84 -8.91 -1.35
N GLU A 34 7.17 -9.06 -0.07
CA GLU A 34 8.11 -8.15 0.59
C GLU A 34 9.48 -8.16 -0.10
N PRO A 35 10.09 -9.35 -0.34
CA PRO A 35 11.38 -9.44 -1.05
C PRO A 35 11.33 -8.80 -2.44
N PHE A 36 10.16 -8.80 -3.04
CA PHE A 36 9.98 -8.20 -4.36
C PHE A 36 10.01 -6.69 -4.27
N LEU A 37 9.37 -6.17 -3.22
CA LEU A 37 9.18 -4.73 -3.06
C LEU A 37 10.42 -4.05 -2.49
N ARG A 38 11.21 -4.79 -1.73
CA ARG A 38 12.46 -4.25 -1.20
C ARG A 38 13.35 -3.69 -2.29
N GLY A 39 13.39 -2.37 -2.37
CA GLY A 39 14.28 -1.71 -3.29
C GLY A 39 13.63 -1.33 -4.60
N ILE A 40 12.34 -1.03 -4.56
CA ILE A 40 11.63 -0.67 -5.79
C ILE A 40 11.15 0.78 -5.74
N ASN A 41 10.58 1.24 -6.84
CA ASN A 41 9.98 2.56 -6.88
C ASN A 41 8.58 2.45 -7.48
N VAL A 42 7.64 3.11 -6.83
CA VAL A 42 6.25 3.07 -7.28
C VAL A 42 5.67 4.47 -7.36
N VAL A 43 4.81 4.67 -8.33
CA VAL A 43 4.11 5.93 -8.48
C VAL A 43 2.81 5.86 -7.69
N TYR A 44 2.79 6.55 -6.56
CA TYR A 44 1.63 6.53 -5.67
C TYR A 44 0.67 7.63 -6.07
N THR A 45 -0.48 7.23 -6.58
CA THR A 45 -1.50 8.16 -6.99
C THR A 45 -2.50 8.38 -5.87
N PRO A 46 -2.45 9.55 -5.22
CA PRO A 46 -3.34 9.90 -4.12
C PRO A 46 -4.73 10.28 -4.61
N PRO A 47 -5.77 9.66 -4.03
CA PRO A 47 -7.16 9.97 -4.36
C PRO A 47 -7.42 11.47 -4.31
N GLN A 48 -8.29 11.93 -5.20
CA GLN A 48 -8.58 13.35 -5.39
C GLN A 48 -8.96 14.05 -4.09
N SER A 49 -9.44 13.29 -3.11
CA SER A 49 -9.84 13.83 -1.82
C SER A 49 -8.64 14.38 -1.05
N PHE A 50 -7.44 13.95 -1.43
CA PHE A 50 -6.22 14.41 -0.78
C PHE A 50 -5.75 15.73 -1.37
N GLN A 51 -5.97 15.91 -2.67
CA GLN A 51 -5.47 17.08 -3.40
C GLN A 51 -3.95 17.07 -3.42
N SER A 52 -3.39 15.88 -3.53
CA SER A 52 -1.94 15.71 -3.50
C SER A 52 -1.46 15.15 -4.83
N ALA A 53 -0.29 15.60 -5.25
CA ALA A 53 0.30 15.15 -6.51
C ALA A 53 0.92 13.76 -6.35
N PRO A 54 0.79 12.91 -7.39
CA PRO A 54 1.36 11.56 -7.38
C PRO A 54 2.85 11.55 -7.03
N ARG A 55 3.18 10.83 -5.97
CA ARG A 55 4.55 10.80 -5.48
C ARG A 55 5.20 9.47 -5.84
N VAL A 56 6.43 9.53 -6.32
CA VAL A 56 7.20 8.32 -6.56
C VAL A 56 7.90 7.92 -5.27
N TYR A 57 7.48 6.81 -4.70
CA TYR A 57 8.03 6.36 -3.45
C TYR A 57 8.95 5.16 -3.66
N ARG A 58 10.10 5.21 -3.02
CA ARG A 58 11.07 4.12 -3.08
C ARG A 58 10.83 3.18 -1.92
N VAL A 59 10.36 1.98 -2.23
CA VAL A 59 10.02 1.01 -1.21
C VAL A 59 11.24 0.37 -0.62
N ASN A 60 11.36 0.48 0.69
CA ASN A 60 12.37 -0.23 1.45
C ASN A 60 11.83 -1.62 1.80
N GLY A 61 10.53 -1.70 2.04
CA GLY A 61 9.91 -2.97 2.29
C GLY A 61 8.47 -2.87 2.77
N LEU A 62 8.07 -3.79 3.63
CA LEU A 62 6.68 -3.87 4.07
C LEU A 62 6.57 -3.86 5.59
N SER A 63 5.42 -3.43 6.07
CA SER A 63 5.16 -3.35 7.50
C SER A 63 4.76 -4.72 8.06
N ARG A 64 5.33 -5.00 9.23
CA ARG A 64 5.08 -6.23 9.98
C ARG A 64 3.58 -6.52 10.16
N ALA A 65 2.77 -5.46 10.18
CA ALA A 65 1.34 -5.62 10.40
C ALA A 65 0.53 -4.99 9.26
N PRO A 66 -0.65 -5.56 8.97
CA PRO A 66 -1.57 -5.05 7.95
C PRO A 66 -2.16 -3.69 8.31
N ALA A 67 -2.61 -2.96 7.28
CA ALA A 67 -3.13 -1.61 7.43
C ALA A 67 -4.39 -1.57 8.29
N SER A 68 -4.96 -2.75 8.51
CA SER A 68 -6.15 -2.88 9.35
C SER A 68 -5.84 -2.52 10.81
N SER A 69 -4.62 -2.78 11.26
CA SER A 69 -4.28 -2.58 12.67
C SER A 69 -3.03 -1.71 12.85
N GLU A 70 -2.46 -1.23 11.76
CA GLU A 70 -1.27 -0.40 11.84
C GLU A 70 -1.62 1.05 12.13
N THR A 71 -1.07 1.57 13.21
CA THR A 71 -1.25 2.96 13.58
C THR A 71 -0.12 3.82 13.02
N PHE A 72 -0.45 5.04 12.67
CA PHE A 72 0.53 6.01 12.22
C PHE A 72 0.05 7.40 12.59
N GLU A 73 0.96 8.35 12.70
CA GLU A 73 0.61 9.68 13.16
C GLU A 73 0.30 10.60 11.99
N HIS A 74 -0.95 11.01 11.91
CA HIS A 74 -1.41 11.94 10.90
C HIS A 74 -2.27 13.00 11.56
N ASP A 75 -1.97 14.27 11.29
CA ASP A 75 -2.73 15.38 11.87
C ASP A 75 -2.52 15.43 13.39
N GLY A 76 -1.49 14.76 13.86
CA GLY A 76 -1.25 14.68 15.29
C GLY A 76 -1.98 13.51 15.92
N LYS A 77 -2.77 12.81 15.13
CA LYS A 77 -3.56 11.70 15.62
C LYS A 77 -2.95 10.37 15.17
N LYS A 78 -2.95 9.39 16.06
CA LYS A 78 -2.54 8.04 15.68
C LYS A 78 -3.76 7.26 15.24
N VAL A 79 -3.85 7.01 13.94
CA VAL A 79 -4.99 6.34 13.35
C VAL A 79 -4.51 5.09 12.64
N THR A 80 -5.44 4.31 12.12
CA THR A 80 -5.08 3.15 11.34
C THR A 80 -5.30 3.47 9.88
N ILE A 81 -4.45 2.97 9.00
CA ILE A 81 -4.52 3.31 7.58
C ILE A 81 -5.89 2.97 6.99
N ALA A 82 -6.48 1.88 7.47
CA ALA A 82 -7.81 1.46 7.01
C ALA A 82 -8.86 2.54 7.30
N SER A 83 -8.87 3.03 8.54
CA SER A 83 -9.83 4.06 8.95
C SER A 83 -9.46 5.42 8.36
N TYR A 84 -8.16 5.62 8.20
CA TYR A 84 -7.60 6.86 7.69
C TYR A 84 -8.03 7.13 6.24
N PHE A 85 -7.94 6.12 5.39
CA PHE A 85 -8.41 6.28 4.01
C PHE A 85 -9.94 6.27 3.97
N HIS A 86 -10.55 5.51 4.88
CA HIS A 86 -12.00 5.41 4.94
C HIS A 86 -12.63 6.77 5.20
N SER A 87 -12.13 7.49 6.21
CA SER A 87 -12.64 8.81 6.53
C SER A 87 -12.20 9.84 5.48
N ARG A 88 -11.13 9.50 4.79
CA ARG A 88 -10.60 10.35 3.72
C ARG A 88 -11.41 10.14 2.44
N ASN A 89 -12.49 9.36 2.56
CA ASN A 89 -13.43 9.13 1.47
C ASN A 89 -12.84 8.20 0.42
N TYR A 90 -12.04 7.25 0.87
CA TYR A 90 -11.55 6.18 0.01
C TYR A 90 -11.55 4.86 0.77
N PRO A 91 -12.68 4.15 0.76
CA PRO A 91 -12.78 2.83 1.38
C PRO A 91 -11.85 1.85 0.68
N LEU A 92 -10.88 1.33 1.42
CA LEU A 92 -9.89 0.42 0.87
C LEU A 92 -10.53 -0.83 0.30
N LYS A 93 -10.12 -1.18 -0.90
CA LYS A 93 -10.61 -2.35 -1.57
C LYS A 93 -10.04 -3.60 -0.92
N PHE A 94 -8.84 -3.45 -0.36
CA PHE A 94 -8.16 -4.54 0.32
C PHE A 94 -7.46 -4.02 1.56
N PRO A 95 -8.22 -3.68 2.62
CA PRO A 95 -7.66 -3.09 3.85
C PRO A 95 -6.82 -4.08 4.66
N GLN A 96 -6.89 -5.35 4.29
CA GLN A 96 -6.24 -6.41 5.04
C GLN A 96 -4.78 -6.60 4.61
N LEU A 97 -4.32 -5.81 3.64
CA LEU A 97 -2.96 -5.96 3.15
C LEU A 97 -1.96 -5.27 4.08
N HIS A 98 -0.73 -5.77 4.08
CA HIS A 98 0.35 -5.16 4.85
C HIS A 98 0.69 -3.79 4.30
N CYS A 99 1.01 -2.89 5.21
CA CYS A 99 1.31 -1.52 4.84
C CYS A 99 2.62 -1.44 4.09
N LEU A 100 2.59 -0.79 2.93
CA LEU A 100 3.80 -0.55 2.17
C LEU A 100 4.64 0.46 2.93
N ASN A 101 5.90 0.14 3.13
CA ASN A 101 6.77 1.00 3.91
C ASN A 101 7.79 1.65 3.00
N VAL A 102 7.53 2.89 2.65
CA VAL A 102 8.40 3.63 1.74
C VAL A 102 9.07 4.78 2.47
N GLY A 103 10.12 5.32 1.86
CA GLY A 103 10.81 6.45 2.43
C GLY A 103 12.20 6.10 2.91
N SER A 104 12.36 6.04 4.22
CA SER A 104 13.65 5.74 4.82
C SER A 104 13.47 5.01 6.15
N SER A 105 14.56 4.57 6.75
CA SER A 105 14.50 3.94 8.05
C SER A 105 13.99 4.92 9.11
N ILE A 106 14.31 6.20 8.92
CA ILE A 106 13.89 7.25 9.85
C ILE A 106 12.48 7.73 9.56
N LYS A 107 12.10 7.78 8.29
CA LYS A 107 10.77 8.20 7.90
C LYS A 107 10.03 7.04 7.25
N SER A 108 9.08 6.48 7.98
CA SER A 108 8.32 5.34 7.52
C SER A 108 6.97 5.78 6.99
N ILE A 109 6.86 5.88 5.67
CA ILE A 109 5.61 6.23 5.04
C ILE A 109 4.82 4.97 4.77
N LEU A 110 3.73 4.78 5.47
CA LEU A 110 2.94 3.57 5.34
C LEU A 110 1.71 3.81 4.48
N LEU A 111 1.61 3.07 3.39
CA LEU A 111 0.49 3.22 2.45
C LEU A 111 0.15 1.90 1.77
N PRO A 112 -1.11 1.70 1.33
CA PRO A 112 -1.55 0.49 0.64
C PRO A 112 -1.13 0.49 -0.83
N ILE A 113 -0.81 -0.70 -1.34
CA ILE A 113 -0.29 -0.85 -2.70
C ILE A 113 -1.40 -0.65 -3.74
N GLU A 114 -2.65 -0.64 -3.29
CA GLU A 114 -3.80 -0.40 -4.16
C GLU A 114 -3.65 0.93 -4.89
N LEU A 115 -3.06 1.91 -4.23
CA LEU A 115 -2.93 3.25 -4.77
C LEU A 115 -1.55 3.47 -5.37
N CYS A 116 -0.80 2.40 -5.51
CA CYS A 116 0.53 2.48 -6.06
C CYS A 116 0.57 1.84 -7.44
N SER A 117 1.25 2.49 -8.37
CA SER A 117 1.42 1.94 -9.69
C SER A 117 2.90 1.71 -9.95
N ILE A 118 3.21 0.66 -10.66
CA ILE A 118 4.58 0.32 -10.95
C ILE A 118 4.94 0.84 -12.34
N GLU A 119 6.12 1.44 -12.47
CA GLU A 119 6.54 2.00 -13.74
C GLU A 119 6.92 0.84 -14.67
N GLU A 120 6.10 0.64 -15.70
CA GLU A 120 6.19 -0.57 -16.51
C GLU A 120 7.27 -0.45 -17.58
N ALA A 4 2.32 3.85 -16.24
CA ALA A 4 2.22 3.44 -14.84
C ALA A 4 1.25 2.29 -14.72
N MET A 5 1.79 1.09 -14.60
CA MET A 5 0.98 -0.12 -14.51
C MET A 5 0.48 -0.31 -13.09
N PRO A 6 -0.84 -0.21 -12.86
CA PRO A 6 -1.43 -0.41 -11.54
C PRO A 6 -0.87 -1.67 -10.88
N MET A 7 -0.31 -1.51 -9.68
CA MET A 7 0.42 -2.59 -9.02
C MET A 7 -0.53 -3.74 -8.70
N ILE A 8 -1.79 -3.42 -8.48
CA ILE A 8 -2.81 -4.42 -8.21
C ILE A 8 -3.06 -5.27 -9.46
N GLU A 9 -2.97 -4.62 -10.62
CA GLU A 9 -3.08 -5.31 -11.91
C GLU A 9 -1.87 -6.22 -12.10
N TYR A 10 -0.70 -5.69 -11.75
CA TYR A 10 0.55 -6.44 -11.80
C TYR A 10 0.45 -7.69 -10.94
N LEU A 11 -0.07 -7.52 -9.74
CA LEU A 11 -0.27 -8.63 -8.82
C LEU A 11 -1.22 -9.67 -9.41
N GLU A 12 -2.35 -9.18 -9.92
CA GLU A 12 -3.39 -10.05 -10.45
C GLU A 12 -2.88 -10.89 -11.62
N ARG A 13 -2.30 -10.22 -12.61
CA ARG A 13 -1.88 -10.89 -13.84
C ARG A 13 -0.58 -11.67 -13.70
N PHE A 14 0.40 -11.07 -13.04
CA PHE A 14 1.75 -11.64 -13.03
C PHE A 14 2.02 -12.48 -11.79
N SER A 15 1.62 -11.99 -10.62
CA SER A 15 1.96 -12.67 -9.37
C SER A 15 0.96 -13.78 -9.07
N LEU A 16 -0.32 -13.51 -9.31
CA LEU A 16 -1.36 -14.50 -9.07
C LEU A 16 -1.65 -15.31 -10.33
N LYS A 17 -1.64 -14.61 -11.47
CA LYS A 17 -1.95 -15.21 -12.77
C LYS A 17 -3.40 -15.67 -12.79
N ALA A 18 -4.26 -14.86 -12.16
CA ALA A 18 -5.68 -15.15 -12.06
C ALA A 18 -6.47 -13.85 -11.86
N LYS A 19 -7.46 -13.87 -10.98
CA LYS A 19 -8.22 -12.67 -10.67
C LYS A 19 -7.89 -12.20 -9.25
N ILE A 20 -7.82 -10.90 -9.03
CA ILE A 20 -7.44 -10.37 -7.75
C ILE A 20 -8.67 -9.97 -6.93
N ASN A 21 -8.69 -10.42 -5.68
CA ASN A 21 -9.75 -10.10 -4.74
C ASN A 21 -9.15 -10.00 -3.35
N ASN A 22 -9.79 -9.24 -2.47
CA ASN A 22 -9.35 -9.17 -1.07
C ASN A 22 -9.59 -10.51 -0.40
N THR A 23 -10.47 -11.30 -1.01
CA THR A 23 -10.80 -12.62 -0.50
C THR A 23 -9.95 -13.71 -1.18
N THR A 24 -8.86 -13.30 -1.85
CA THR A 24 -7.94 -14.25 -2.46
C THR A 24 -6.66 -14.36 -1.62
N ASN A 25 -6.79 -14.01 -0.34
CA ASN A 25 -5.68 -14.07 0.61
C ASN A 25 -4.49 -13.28 0.12
N LEU A 26 -4.77 -12.04 -0.23
CA LEU A 26 -3.77 -11.14 -0.77
C LEU A 26 -2.79 -10.71 0.32
N ASP A 27 -3.12 -11.01 1.57
CA ASP A 27 -2.23 -10.71 2.68
C ASP A 27 -1.04 -11.65 2.66
N TYR A 28 -1.26 -12.89 2.22
CA TYR A 28 -0.18 -13.84 2.08
C TYR A 28 0.68 -13.48 0.89
N SER A 29 0.04 -12.96 -0.16
CA SER A 29 0.75 -12.44 -1.32
C SER A 29 1.61 -11.28 -0.90
N ARG A 30 1.02 -10.40 -0.10
CA ARG A 30 1.66 -9.17 0.33
C ARG A 30 2.97 -9.46 1.07
N ARG A 31 2.91 -10.35 2.06
CA ARG A 31 4.09 -10.70 2.85
C ARG A 31 5.14 -11.43 2.00
N PHE A 32 4.68 -12.12 0.97
CA PHE A 32 5.55 -12.83 0.03
C PHE A 32 6.10 -11.88 -1.03
N LEU A 33 5.37 -10.80 -1.26
CA LEU A 33 5.75 -9.76 -2.20
C LEU A 33 6.74 -8.79 -1.58
N GLU A 34 6.93 -8.91 -0.27
CA GLU A 34 7.80 -7.99 0.48
C GLU A 34 9.23 -8.01 -0.07
N PRO A 35 9.86 -9.21 -0.25
CA PRO A 35 11.20 -9.32 -0.84
C PRO A 35 11.28 -8.72 -2.24
N PHE A 36 10.15 -8.73 -2.94
CA PHE A 36 10.08 -8.16 -4.28
C PHE A 36 10.06 -6.65 -4.21
N LEU A 37 9.35 -6.13 -3.23
CA LEU A 37 9.12 -4.71 -3.11
C LEU A 37 10.27 -4.01 -2.40
N ARG A 38 10.98 -4.75 -1.56
CA ARG A 38 12.13 -4.23 -0.84
C ARG A 38 13.17 -3.65 -1.81
N GLY A 39 13.16 -2.33 -1.95
CA GLY A 39 14.12 -1.65 -2.81
C GLY A 39 13.58 -1.39 -4.20
N ILE A 40 12.32 -0.98 -4.28
CA ILE A 40 11.72 -0.61 -5.57
C ILE A 40 11.21 0.81 -5.50
N ASN A 41 10.70 1.33 -6.60
CA ASN A 41 10.00 2.60 -6.60
C ASN A 41 8.66 2.46 -7.30
N VAL A 42 7.63 3.04 -6.70
CA VAL A 42 6.28 2.93 -7.20
C VAL A 42 5.62 4.29 -7.30
N VAL A 43 4.74 4.45 -8.26
CA VAL A 43 4.01 5.68 -8.45
C VAL A 43 2.73 5.62 -7.61
N TYR A 44 2.71 6.36 -6.52
CA TYR A 44 1.55 6.38 -5.65
C TYR A 44 0.58 7.45 -6.11
N THR A 45 -0.62 7.02 -6.48
CA THR A 45 -1.64 7.93 -6.93
C THR A 45 -2.63 8.22 -5.80
N PRO A 46 -2.56 9.42 -5.21
CA PRO A 46 -3.41 9.81 -4.10
C PRO A 46 -4.80 10.22 -4.56
N PRO A 47 -5.83 9.73 -3.87
CA PRO A 47 -7.22 10.15 -4.10
C PRO A 47 -7.38 11.66 -3.97
N GLN A 48 -8.40 12.17 -4.66
CA GLN A 48 -8.66 13.61 -4.78
C GLN A 48 -8.75 14.30 -3.42
N SER A 49 -9.12 13.55 -2.41
CA SER A 49 -9.31 14.08 -1.07
C SER A 49 -7.98 14.43 -0.41
N PHE A 50 -6.91 13.72 -0.79
CA PHE A 50 -5.59 13.97 -0.24
C PHE A 50 -5.03 15.28 -0.76
N GLN A 51 -5.42 15.62 -1.99
CA GLN A 51 -5.03 16.89 -2.61
C GLN A 51 -3.53 16.95 -2.82
N SER A 52 -2.99 15.84 -3.29
CA SER A 52 -1.57 15.71 -3.56
C SER A 52 -1.36 15.19 -4.98
N ALA A 53 -0.13 15.30 -5.48
CA ALA A 53 0.20 14.81 -6.80
C ALA A 53 0.86 13.44 -6.71
N PRO A 54 0.54 12.54 -7.66
CA PRO A 54 1.12 11.19 -7.71
C PRO A 54 2.65 11.21 -7.64
N ARG A 55 3.20 10.67 -6.58
CA ARG A 55 4.63 10.70 -6.37
C ARG A 55 5.25 9.31 -6.48
N VAL A 56 6.45 9.24 -7.02
CA VAL A 56 7.22 8.02 -7.01
C VAL A 56 7.92 7.85 -5.67
N TYR A 57 7.58 6.78 -4.96
CA TYR A 57 8.11 6.55 -3.63
C TYR A 57 9.10 5.39 -3.62
N ARG A 58 10.13 5.52 -2.79
CA ARG A 58 11.17 4.51 -2.67
C ARG A 58 10.78 3.50 -1.60
N VAL A 59 10.40 2.32 -2.05
CA VAL A 59 9.95 1.26 -1.16
C VAL A 59 11.11 0.60 -0.45
N ASN A 60 11.12 0.73 0.86
CA ASN A 60 12.07 0.03 1.70
C ASN A 60 11.55 -1.38 1.97
N GLY A 61 10.23 -1.53 1.89
CA GLY A 61 9.62 -2.84 2.04
C GLY A 61 8.18 -2.74 2.48
N LEU A 62 7.72 -3.72 3.26
CA LEU A 62 6.34 -3.76 3.73
C LEU A 62 6.34 -3.92 5.25
N SER A 63 5.28 -3.46 5.90
CA SER A 63 5.15 -3.57 7.33
C SER A 63 4.58 -4.94 7.71
N ARG A 64 5.21 -5.57 8.71
CA ARG A 64 4.77 -6.86 9.22
C ARG A 64 3.31 -6.85 9.71
N ALA A 65 2.81 -5.67 10.01
CA ALA A 65 1.41 -5.52 10.41
C ALA A 65 0.59 -4.88 9.30
N PRO A 66 -0.56 -5.47 8.97
CA PRO A 66 -1.46 -4.95 7.92
C PRO A 66 -2.11 -3.62 8.31
N ALA A 67 -2.48 -2.84 7.30
CA ALA A 67 -3.03 -1.50 7.48
C ALA A 67 -4.35 -1.53 8.25
N SER A 68 -4.93 -2.71 8.35
CA SER A 68 -6.17 -2.91 9.09
C SER A 68 -5.93 -2.82 10.60
N SER A 69 -4.72 -3.12 11.02
CA SER A 69 -4.41 -3.20 12.44
C SER A 69 -3.22 -2.34 12.83
N GLU A 70 -2.61 -1.66 11.86
CA GLU A 70 -1.48 -0.79 12.13
C GLU A 70 -1.96 0.59 12.56
N THR A 71 -1.66 0.95 13.80
CA THR A 71 -1.96 2.28 14.27
C THR A 71 -0.68 3.11 14.31
N PHE A 72 -0.68 4.19 13.56
CA PHE A 72 0.44 5.12 13.59
C PHE A 72 0.05 6.39 14.35
N GLU A 73 1.03 7.01 14.98
CA GLU A 73 0.81 8.24 15.71
C GLU A 73 1.03 9.44 14.81
N HIS A 74 -0.04 10.18 14.57
CA HIS A 74 0.00 11.30 13.66
C HIS A 74 -0.42 12.56 14.41
N ASP A 75 0.57 13.41 14.70
CA ASP A 75 0.35 14.63 15.48
C ASP A 75 -0.11 14.29 16.90
N GLY A 76 0.30 13.12 17.37
CA GLY A 76 -0.01 12.70 18.72
C GLY A 76 -1.27 11.85 18.81
N LYS A 77 -1.86 11.54 17.66
CA LYS A 77 -3.09 10.76 17.62
C LYS A 77 -2.85 9.43 16.90
N LYS A 78 -3.32 8.35 17.49
CA LYS A 78 -3.17 7.03 16.88
C LYS A 78 -4.39 6.67 16.06
N VAL A 79 -4.18 6.34 14.80
CA VAL A 79 -5.26 5.93 13.91
C VAL A 79 -4.80 4.74 13.08
N THR A 80 -5.75 4.02 12.51
CA THR A 80 -5.42 2.92 11.62
C THR A 80 -5.47 3.43 10.19
N ILE A 81 -4.57 2.95 9.34
CA ILE A 81 -4.52 3.41 7.95
C ILE A 81 -5.82 3.10 7.22
N ALA A 82 -6.50 2.04 7.63
CA ALA A 82 -7.81 1.70 7.04
C ALA A 82 -8.81 2.82 7.29
N SER A 83 -8.93 3.26 8.54
CA SER A 83 -9.84 4.34 8.90
C SER A 83 -9.29 5.69 8.43
N TYR A 84 -7.98 5.78 8.37
CA TYR A 84 -7.27 6.96 7.92
C TYR A 84 -7.61 7.28 6.46
N PHE A 85 -7.61 6.26 5.62
CA PHE A 85 -8.06 6.42 4.23
C PHE A 85 -9.57 6.56 4.16
N HIS A 86 -10.26 5.90 5.08
CA HIS A 86 -11.72 5.94 5.14
C HIS A 86 -12.21 7.36 5.44
N SER A 87 -11.46 8.07 6.28
CA SER A 87 -11.79 9.46 6.60
C SER A 87 -11.46 10.37 5.42
N ARG A 88 -10.73 9.80 4.47
CA ARG A 88 -10.40 10.46 3.22
C ARG A 88 -11.36 10.05 2.13
N ASN A 89 -12.48 9.44 2.53
CA ASN A 89 -13.54 9.04 1.61
C ASN A 89 -13.07 7.92 0.70
N TYR A 90 -12.04 7.20 1.11
CA TYR A 90 -11.55 6.08 0.31
C TYR A 90 -11.53 4.81 1.14
N PRO A 91 -12.64 4.06 1.13
CA PRO A 91 -12.69 2.75 1.77
C PRO A 91 -11.84 1.74 1.02
N LEU A 92 -10.73 1.35 1.64
CA LEU A 92 -9.75 0.48 1.00
C LEU A 92 -10.39 -0.80 0.50
N LYS A 93 -10.02 -1.17 -0.72
CA LYS A 93 -10.54 -2.37 -1.34
C LYS A 93 -9.82 -3.59 -0.80
N PHE A 94 -8.61 -3.38 -0.29
CA PHE A 94 -7.80 -4.43 0.29
C PHE A 94 -7.22 -3.97 1.63
N PRO A 95 -8.08 -3.72 2.62
CA PRO A 95 -7.66 -3.21 3.94
C PRO A 95 -6.74 -4.17 4.68
N GLN A 96 -6.74 -5.43 4.28
CA GLN A 96 -5.97 -6.46 4.97
C GLN A 96 -4.54 -6.53 4.43
N LEU A 97 -4.18 -5.57 3.60
CA LEU A 97 -2.84 -5.52 3.05
C LEU A 97 -1.85 -4.93 4.04
N HIS A 98 -0.67 -5.54 4.08
CA HIS A 98 0.45 -4.99 4.81
C HIS A 98 0.81 -3.64 4.20
N CYS A 99 1.24 -2.72 5.04
CA CYS A 99 1.46 -1.35 4.61
C CYS A 99 2.75 -1.23 3.84
N LEU A 100 2.68 -0.60 2.68
CA LEU A 100 3.86 -0.28 1.91
C LEU A 100 4.68 0.72 2.70
N ASN A 101 5.93 0.39 2.94
CA ASN A 101 6.76 1.24 3.76
C ASN A 101 7.79 1.92 2.90
N VAL A 102 7.48 3.15 2.51
CA VAL A 102 8.33 3.91 1.62
C VAL A 102 8.96 5.08 2.34
N GLY A 103 9.98 5.67 1.74
CA GLY A 103 10.61 6.83 2.32
C GLY A 103 11.93 6.50 2.97
N SER A 104 11.99 6.66 4.28
CA SER A 104 13.24 6.48 5.01
C SER A 104 13.02 5.67 6.27
N SER A 105 14.12 5.33 6.95
CA SER A 105 14.04 4.60 8.20
C SER A 105 13.60 5.52 9.34
N ILE A 106 14.04 6.78 9.28
CA ILE A 106 13.71 7.75 10.32
C ILE A 106 12.30 8.29 10.14
N LYS A 107 11.86 8.42 8.90
CA LYS A 107 10.49 8.80 8.59
C LYS A 107 9.91 7.82 7.59
N SER A 108 9.02 6.97 8.07
CA SER A 108 8.40 5.96 7.24
C SER A 108 7.06 6.44 6.73
N ILE A 109 6.78 6.16 5.47
CA ILE A 109 5.49 6.46 4.89
C ILE A 109 4.75 5.15 4.64
N LEU A 110 3.64 4.97 5.32
CA LEU A 110 2.89 3.72 5.20
C LEU A 110 1.64 3.92 4.36
N LEU A 111 1.57 3.21 3.24
CA LEU A 111 0.42 3.28 2.34
C LEU A 111 0.12 1.92 1.72
N PRO A 112 -1.15 1.54 1.56
CA PRO A 112 -1.52 0.30 0.89
C PRO A 112 -1.14 0.32 -0.59
N ILE A 113 -0.59 -0.78 -1.08
CA ILE A 113 -0.15 -0.88 -2.47
C ILE A 113 -1.32 -0.77 -3.44
N GLU A 114 -2.53 -0.83 -2.90
CA GLU A 114 -3.78 -0.69 -3.65
C GLU A 114 -3.76 0.55 -4.56
N LEU A 115 -3.12 1.61 -4.09
CA LEU A 115 -3.12 2.89 -4.81
C LEU A 115 -1.78 3.18 -5.47
N CYS A 116 -1.01 2.13 -5.72
CA CYS A 116 0.30 2.30 -6.33
C CYS A 116 0.35 1.68 -7.71
N SER A 117 1.11 2.31 -8.59
CA SER A 117 1.37 1.76 -9.91
C SER A 117 2.87 1.55 -10.07
N ILE A 118 3.26 0.47 -10.70
CA ILE A 118 4.66 0.17 -10.89
C ILE A 118 5.11 0.62 -12.27
N GLU A 119 6.34 1.13 -12.35
CA GLU A 119 6.87 1.69 -13.58
C GLU A 119 7.23 0.56 -14.55
N GLU A 120 6.51 0.47 -15.67
CA GLU A 120 6.67 -0.63 -16.60
C GLU A 120 8.06 -0.66 -17.22
N ALA A 4 2.40 3.63 -16.45
CA ALA A 4 2.18 3.46 -15.03
C ALA A 4 1.02 2.48 -14.82
N MET A 5 1.37 1.26 -14.48
CA MET A 5 0.40 0.18 -14.37
C MET A 5 0.00 -0.02 -12.92
N PRO A 6 -1.30 -0.02 -12.61
CA PRO A 6 -1.78 -0.31 -11.26
C PRO A 6 -1.12 -1.57 -10.71
N MET A 7 -0.43 -1.41 -9.58
CA MET A 7 0.38 -2.49 -9.02
C MET A 7 -0.45 -3.73 -8.72
N ILE A 8 -1.74 -3.55 -8.43
CA ILE A 8 -2.63 -4.69 -8.23
C ILE A 8 -2.71 -5.53 -9.50
N GLU A 9 -2.76 -4.86 -10.65
CA GLU A 9 -2.76 -5.53 -11.95
C GLU A 9 -1.47 -6.35 -12.10
N TYR A 10 -0.35 -5.73 -11.73
CA TYR A 10 0.95 -6.38 -11.79
C TYR A 10 0.97 -7.62 -10.89
N LEU A 11 0.49 -7.44 -9.67
CA LEU A 11 0.46 -8.51 -8.69
C LEU A 11 -0.42 -9.65 -9.18
N GLU A 12 -1.59 -9.30 -9.69
CA GLU A 12 -2.56 -10.27 -10.17
C GLU A 12 -1.97 -11.14 -11.28
N ARG A 13 -1.36 -10.50 -12.26
CA ARG A 13 -0.86 -11.21 -13.43
C ARG A 13 0.47 -11.92 -13.14
N PHE A 14 1.36 -11.25 -12.44
CA PHE A 14 2.73 -11.73 -12.31
C PHE A 14 3.03 -12.36 -10.95
N SER A 15 2.54 -11.75 -9.87
CA SER A 15 2.98 -12.14 -8.53
C SER A 15 2.14 -13.28 -7.96
N LEU A 16 0.84 -13.24 -8.15
CA LEU A 16 -0.03 -14.29 -7.66
C LEU A 16 -0.24 -15.38 -8.71
N LYS A 17 -0.13 -14.96 -9.98
CA LYS A 17 -0.48 -15.81 -11.10
C LYS A 17 -1.96 -16.18 -11.00
N ALA A 18 -2.73 -15.30 -10.36
CA ALA A 18 -4.12 -15.53 -10.06
C ALA A 18 -4.83 -14.20 -9.84
N LYS A 19 -6.15 -14.22 -9.94
CA LYS A 19 -6.95 -13.00 -9.89
C LYS A 19 -7.01 -12.42 -8.48
N ILE A 20 -6.98 -11.10 -8.39
CA ILE A 20 -7.01 -10.41 -7.11
C ILE A 20 -8.43 -10.07 -6.68
N ASN A 21 -8.71 -10.29 -5.41
CA ASN A 21 -9.93 -9.80 -4.79
C ASN A 21 -9.77 -9.77 -3.28
N ASN A 22 -10.75 -9.25 -2.56
CA ASN A 22 -10.69 -9.20 -1.11
C ASN A 22 -10.79 -10.61 -0.53
N THR A 23 -11.57 -11.46 -1.21
CA THR A 23 -11.82 -12.81 -0.72
C THR A 23 -10.73 -13.78 -1.15
N THR A 24 -9.55 -13.26 -1.41
CA THR A 24 -8.40 -14.09 -1.76
C THR A 24 -7.41 -14.10 -0.61
N ASN A 25 -6.35 -14.87 -0.74
CA ASN A 25 -5.31 -14.95 0.30
C ASN A 25 -4.37 -13.75 0.18
N LEU A 26 -4.94 -12.55 0.22
CA LEU A 26 -4.19 -11.33 -0.01
C LEU A 26 -3.14 -11.08 1.06
N ASP A 27 -3.41 -11.54 2.28
CA ASP A 27 -2.48 -11.34 3.39
C ASP A 27 -1.28 -12.27 3.26
N TYR A 28 -1.52 -13.44 2.70
CA TYR A 28 -0.46 -14.41 2.50
C TYR A 28 0.48 -13.97 1.38
N SER A 29 -0.10 -13.33 0.36
CA SER A 29 0.69 -12.84 -0.76
C SER A 29 1.47 -11.59 -0.37
N ARG A 30 0.81 -10.68 0.34
CA ARG A 30 1.45 -9.45 0.78
C ARG A 30 2.60 -9.75 1.73
N ARG A 31 2.51 -10.88 2.43
CA ARG A 31 3.55 -11.25 3.38
C ARG A 31 4.82 -11.72 2.67
N PHE A 32 4.68 -12.35 1.51
CA PHE A 32 5.85 -12.83 0.75
C PHE A 32 6.26 -11.76 -0.27
N LEU A 33 5.48 -10.70 -0.31
CA LEU A 33 5.67 -9.62 -1.27
C LEU A 33 6.69 -8.61 -0.73
N GLU A 34 7.03 -8.78 0.54
CA GLU A 34 7.94 -7.86 1.23
C GLU A 34 9.30 -7.78 0.51
N PRO A 35 9.98 -8.93 0.29
CA PRO A 35 11.29 -8.94 -0.38
C PRO A 35 11.17 -8.50 -1.84
N PHE A 36 10.03 -8.79 -2.44
CA PHE A 36 9.78 -8.47 -3.84
C PHE A 36 9.69 -6.96 -4.03
N LEU A 37 9.11 -6.28 -3.05
CA LEU A 37 8.87 -4.85 -3.15
C LEU A 37 10.05 -4.03 -2.64
N ARG A 38 10.92 -4.65 -1.85
CA ARG A 38 12.08 -3.92 -1.35
C ARG A 38 13.04 -3.56 -2.48
N GLY A 39 13.25 -2.26 -2.65
CA GLY A 39 14.20 -1.78 -3.64
C GLY A 39 13.53 -1.33 -4.92
N ILE A 40 12.22 -1.08 -4.87
CA ILE A 40 11.51 -0.70 -6.08
C ILE A 40 11.05 0.75 -5.99
N ASN A 41 10.59 1.29 -7.11
CA ASN A 41 9.99 2.61 -7.13
C ASN A 41 8.57 2.49 -7.65
N VAL A 42 7.64 3.13 -6.97
CA VAL A 42 6.25 3.10 -7.40
C VAL A 42 5.72 4.51 -7.55
N VAL A 43 4.81 4.68 -8.47
CA VAL A 43 4.11 5.92 -8.67
C VAL A 43 2.88 5.92 -7.79
N TYR A 44 2.95 6.62 -6.68
CA TYR A 44 1.89 6.64 -5.69
C TYR A 44 0.90 7.73 -6.03
N THR A 45 -0.28 7.33 -6.44
CA THR A 45 -1.32 8.27 -6.78
C THR A 45 -2.32 8.38 -5.64
N PRO A 46 -2.27 9.48 -4.88
CA PRO A 46 -3.20 9.73 -3.79
C PRO A 46 -4.56 10.11 -4.34
N PRO A 47 -5.64 9.54 -3.76
CA PRO A 47 -7.01 9.88 -4.15
C PRO A 47 -7.22 11.38 -4.22
N GLN A 48 -8.04 11.80 -5.18
CA GLN A 48 -8.24 13.21 -5.49
C GLN A 48 -8.79 14.00 -4.31
N SER A 49 -9.18 13.29 -3.25
CA SER A 49 -9.66 13.92 -2.03
C SER A 49 -8.50 14.39 -1.16
N PHE A 50 -7.29 13.94 -1.49
CA PHE A 50 -6.11 14.30 -0.72
C PHE A 50 -5.46 15.58 -1.24
N GLN A 51 -5.65 15.84 -2.53
CA GLN A 51 -5.06 17.01 -3.21
C GLN A 51 -3.55 16.85 -3.40
N SER A 52 -3.07 15.67 -3.06
CA SER A 52 -1.66 15.35 -3.24
C SER A 52 -1.42 14.82 -4.64
N ALA A 53 -0.36 15.31 -5.27
CA ALA A 53 0.03 14.89 -6.61
C ALA A 53 0.77 13.57 -6.55
N PRO A 54 0.57 12.70 -7.56
CA PRO A 54 1.28 11.41 -7.65
C PRO A 54 2.77 11.53 -7.37
N ARG A 55 3.21 10.88 -6.30
CA ARG A 55 4.60 10.95 -5.87
C ARG A 55 5.32 9.64 -6.18
N VAL A 56 6.52 9.74 -6.71
CA VAL A 56 7.34 8.55 -6.92
C VAL A 56 8.10 8.23 -5.64
N TYR A 57 7.70 7.15 -5.00
CA TYR A 57 8.32 6.72 -3.76
C TYR A 57 9.16 5.47 -3.96
N ARG A 58 10.25 5.37 -3.22
CA ARG A 58 11.08 4.19 -3.25
C ARG A 58 10.66 3.27 -2.11
N VAL A 59 10.24 2.07 -2.47
CA VAL A 59 9.79 1.10 -1.48
C VAL A 59 10.96 0.36 -0.90
N ASN A 60 11.14 0.50 0.41
CA ASN A 60 12.13 -0.27 1.14
C ASN A 60 11.49 -1.57 1.59
N GLY A 61 10.17 -1.67 1.41
CA GLY A 61 9.51 -2.94 1.59
C GLY A 61 8.13 -2.81 2.20
N LEU A 62 7.77 -3.73 3.07
CA LEU A 62 6.44 -3.78 3.65
C LEU A 62 6.54 -3.83 5.17
N SER A 63 5.49 -3.38 5.83
CA SER A 63 5.37 -3.54 7.26
C SER A 63 4.55 -4.79 7.55
N ARG A 64 5.14 -5.68 8.33
CA ARG A 64 4.59 -7.01 8.59
C ARG A 64 3.25 -6.96 9.34
N ALA A 65 2.87 -5.80 9.83
CA ALA A 65 1.55 -5.62 10.40
C ALA A 65 0.61 -4.99 9.36
N PRO A 66 -0.55 -5.63 9.12
CA PRO A 66 -1.54 -5.16 8.14
C PRO A 66 -2.10 -3.77 8.47
N ALA A 67 -2.41 -3.01 7.42
CA ALA A 67 -2.85 -1.62 7.55
C ALA A 67 -4.17 -1.48 8.29
N SER A 68 -4.95 -2.55 8.31
CA SER A 68 -6.23 -2.55 9.01
C SER A 68 -6.01 -2.56 10.53
N SER A 69 -4.86 -3.06 10.95
CA SER A 69 -4.56 -3.22 12.36
C SER A 69 -3.43 -2.30 12.81
N GLU A 70 -2.78 -1.64 11.86
CA GLU A 70 -1.66 -0.76 12.18
C GLU A 70 -2.13 0.62 12.62
N THR A 71 -1.56 1.10 13.72
CA THR A 71 -1.84 2.43 14.20
C THR A 71 -0.66 3.35 13.95
N PHE A 72 -0.94 4.61 13.71
CA PHE A 72 0.09 5.60 13.47
C PHE A 72 -0.44 6.95 13.92
N GLU A 73 0.45 7.88 14.23
CA GLU A 73 0.00 9.18 14.70
C GLU A 73 -0.24 10.12 13.53
N HIS A 74 -1.48 10.53 13.38
CA HIS A 74 -1.90 11.49 12.39
C HIS A 74 -2.73 12.56 13.07
N ASP A 75 -2.26 13.80 12.98
CA ASP A 75 -2.96 14.94 13.58
C ASP A 75 -2.98 14.80 15.11
N GLY A 76 -1.97 14.11 15.64
CA GLY A 76 -1.90 13.89 17.07
C GLY A 76 -2.74 12.72 17.52
N LYS A 77 -3.38 12.05 16.56
CA LYS A 77 -4.25 10.92 16.86
C LYS A 77 -3.62 9.63 16.40
N LYS A 78 -3.83 8.56 17.14
CA LYS A 78 -3.44 7.24 16.66
C LYS A 78 -4.62 6.60 15.97
N VAL A 79 -4.51 6.45 14.66
CA VAL A 79 -5.59 5.90 13.86
C VAL A 79 -5.08 4.66 13.15
N THR A 80 -5.99 3.90 12.57
CA THR A 80 -5.60 2.77 11.75
C THR A 80 -5.60 3.23 10.30
N ILE A 81 -4.65 2.73 9.51
CA ILE A 81 -4.52 3.16 8.12
C ILE A 81 -5.80 2.87 7.33
N ALA A 82 -6.51 1.82 7.73
CA ALA A 82 -7.79 1.48 7.11
C ALA A 82 -8.83 2.57 7.32
N SER A 83 -9.00 2.99 8.58
CA SER A 83 -9.99 4.00 8.92
C SER A 83 -9.51 5.38 8.47
N TYR A 84 -8.20 5.55 8.46
CA TYR A 84 -7.56 6.79 8.06
C TYR A 84 -7.88 7.12 6.60
N PHE A 85 -7.71 6.15 5.72
CA PHE A 85 -8.05 6.35 4.31
C PHE A 85 -9.55 6.50 4.15
N HIS A 86 -10.30 5.75 4.96
CA HIS A 86 -11.76 5.79 4.89
C HIS A 86 -12.30 7.17 5.28
N SER A 87 -11.59 7.85 6.17
CA SER A 87 -12.00 9.18 6.61
C SER A 87 -11.56 10.22 5.58
N ARG A 88 -10.53 9.86 4.83
CA ARG A 88 -10.02 10.71 3.76
C ARG A 88 -10.75 10.46 2.45
N ASN A 89 -11.90 9.78 2.54
CA ASN A 89 -12.80 9.54 1.40
C ASN A 89 -12.22 8.51 0.43
N TYR A 90 -11.57 7.49 0.99
CA TYR A 90 -11.12 6.36 0.19
C TYR A 90 -11.31 5.06 0.96
N PRO A 91 -12.42 4.37 0.74
CA PRO A 91 -12.67 3.06 1.36
C PRO A 91 -11.80 1.99 0.74
N LEU A 92 -10.86 1.47 1.54
CA LEU A 92 -9.89 0.50 1.05
C LEU A 92 -10.55 -0.74 0.47
N LYS A 93 -10.10 -1.11 -0.72
CA LYS A 93 -10.55 -2.33 -1.36
C LYS A 93 -9.97 -3.54 -0.62
N PHE A 94 -8.77 -3.35 -0.10
CA PHE A 94 -8.06 -4.41 0.60
C PHE A 94 -7.37 -3.84 1.84
N PRO A 95 -8.13 -3.60 2.92
CA PRO A 95 -7.60 -3.02 4.15
C PRO A 95 -6.65 -3.98 4.89
N GLN A 96 -6.77 -5.26 4.59
CA GLN A 96 -6.01 -6.29 5.30
C GLN A 96 -4.67 -6.56 4.62
N LEU A 97 -4.15 -5.56 3.92
CA LEU A 97 -2.85 -5.69 3.28
C LEU A 97 -1.75 -5.19 4.21
N HIS A 98 -0.59 -5.84 4.13
CA HIS A 98 0.59 -5.38 4.85
C HIS A 98 0.98 -4.00 4.34
N CYS A 99 1.24 -3.09 5.28
CA CYS A 99 1.47 -1.70 4.96
C CYS A 99 2.70 -1.53 4.07
N LEU A 100 2.48 -0.90 2.92
CA LEU A 100 3.57 -0.56 2.02
C LEU A 100 4.45 0.46 2.71
N ASN A 101 5.72 0.15 2.85
CA ASN A 101 6.61 0.99 3.61
C ASN A 101 7.62 1.64 2.68
N VAL A 102 7.34 2.88 2.32
CA VAL A 102 8.19 3.65 1.43
C VAL A 102 8.83 4.81 2.17
N GLY A 103 9.87 5.38 1.59
CA GLY A 103 10.54 6.50 2.20
C GLY A 103 11.82 6.10 2.89
N SER A 104 11.86 6.26 4.20
CA SER A 104 13.06 5.95 4.97
C SER A 104 12.69 5.50 6.39
N SER A 105 13.68 5.14 7.19
CA SER A 105 13.41 4.71 8.56
C SER A 105 12.99 5.88 9.44
N ILE A 106 13.60 7.04 9.23
CA ILE A 106 13.27 8.24 10.00
C ILE A 106 11.92 8.81 9.59
N LYS A 107 11.54 8.60 8.34
CA LYS A 107 10.25 9.04 7.84
C LYS A 107 9.62 7.90 7.05
N SER A 108 8.62 7.27 7.64
CA SER A 108 8.02 6.09 7.05
C SER A 108 6.65 6.40 6.48
N ILE A 109 6.48 6.14 5.20
CA ILE A 109 5.22 6.37 4.54
C ILE A 109 4.52 5.02 4.33
N LEU A 110 3.43 4.80 5.04
CA LEU A 110 2.73 3.52 4.95
C LEU A 110 1.49 3.63 4.07
N LEU A 111 1.50 2.87 2.98
CA LEU A 111 0.40 2.92 2.00
C LEU A 111 -0.16 1.53 1.73
N PRO A 112 -1.31 1.44 1.03
CA PRO A 112 -1.75 0.21 0.41
C PRO A 112 -1.35 0.18 -1.06
N ILE A 113 -0.94 -0.99 -1.54
CA ILE A 113 -0.38 -1.11 -2.88
C ILE A 113 -1.44 -0.86 -3.96
N GLU A 114 -2.71 -0.79 -3.56
CA GLU A 114 -3.81 -0.46 -4.48
C GLU A 114 -3.73 1.00 -4.91
N LEU A 115 -2.99 1.80 -4.15
CA LEU A 115 -2.85 3.22 -4.45
C LEU A 115 -1.53 3.52 -5.13
N CYS A 116 -0.91 2.49 -5.69
CA CYS A 116 0.38 2.64 -6.32
C CYS A 116 0.40 2.00 -7.69
N SER A 117 1.00 2.67 -8.65
CA SER A 117 1.20 2.11 -9.97
C SER A 117 2.69 1.93 -10.23
N ILE A 118 3.03 0.87 -10.92
CA ILE A 118 4.40 0.53 -11.18
C ILE A 118 4.81 1.02 -12.56
N GLU A 119 6.03 1.51 -12.69
CA GLU A 119 6.55 1.86 -14.00
C GLU A 119 7.02 0.58 -14.68
N GLU A 120 6.34 0.21 -15.76
CA GLU A 120 6.58 -1.09 -16.38
C GLU A 120 7.97 -1.18 -16.99
N ALA A 4 1.96 3.84 -16.77
CA ALA A 4 1.81 3.41 -15.39
C ALA A 4 0.87 2.22 -15.30
N MET A 5 1.39 1.12 -14.78
CA MET A 5 0.61 -0.09 -14.59
C MET A 5 0.16 -0.22 -13.14
N PRO A 6 -1.16 -0.20 -12.90
CA PRO A 6 -1.71 -0.40 -11.57
C PRO A 6 -1.09 -1.62 -10.89
N MET A 7 -0.44 -1.41 -9.75
CA MET A 7 0.33 -2.46 -9.09
C MET A 7 -0.56 -3.64 -8.70
N ILE A 8 -1.82 -3.36 -8.42
CA ILE A 8 -2.76 -4.42 -8.09
C ILE A 8 -3.02 -5.31 -9.31
N GLU A 9 -3.23 -4.68 -10.47
CA GLU A 9 -3.43 -5.42 -11.69
C GLU A 9 -2.13 -6.14 -12.09
N TYR A 10 -1.01 -5.48 -11.80
CA TYR A 10 0.31 -6.08 -11.98
C TYR A 10 0.38 -7.39 -11.20
N LEU A 11 -0.09 -7.34 -9.97
CA LEU A 11 -0.16 -8.52 -9.13
C LEU A 11 -1.12 -9.54 -9.73
N GLU A 12 -2.31 -9.09 -10.10
CA GLU A 12 -3.34 -9.96 -10.63
C GLU A 12 -2.86 -10.69 -11.89
N ARG A 13 -2.31 -9.94 -12.83
CA ARG A 13 -1.89 -10.49 -14.12
C ARG A 13 -0.54 -11.21 -14.04
N PHE A 14 0.47 -10.55 -13.48
CA PHE A 14 1.84 -11.05 -13.59
C PHE A 14 2.28 -11.87 -12.38
N SER A 15 1.73 -11.60 -11.20
CA SER A 15 2.19 -12.28 -10.00
C SER A 15 1.26 -13.42 -9.58
N LEU A 16 -0.05 -13.18 -9.66
CA LEU A 16 -1.03 -14.23 -9.36
C LEU A 16 -1.39 -14.96 -10.63
N LYS A 17 -1.40 -14.21 -11.73
CA LYS A 17 -1.68 -14.74 -13.06
C LYS A 17 -3.09 -15.31 -13.12
N ALA A 18 -3.98 -14.66 -12.38
CA ALA A 18 -5.35 -15.11 -12.25
C ALA A 18 -6.28 -13.93 -11.97
N LYS A 19 -7.06 -14.04 -10.91
CA LYS A 19 -7.99 -13.00 -10.52
C LYS A 19 -7.55 -12.38 -9.19
N ILE A 20 -7.81 -11.10 -9.01
CA ILE A 20 -7.47 -10.43 -7.76
C ILE A 20 -8.72 -10.23 -6.90
N ASN A 21 -8.55 -10.40 -5.59
CA ASN A 21 -9.62 -10.16 -4.62
C ASN A 21 -9.09 -10.42 -3.21
N ASN A 22 -9.89 -10.20 -2.19
CA ASN A 22 -9.49 -10.55 -0.83
C ASN A 22 -9.50 -12.06 -0.66
N THR A 23 -10.33 -12.73 -1.44
CA THR A 23 -10.49 -14.17 -1.34
C THR A 23 -9.38 -14.89 -2.09
N THR A 24 -8.56 -14.15 -2.83
CA THR A 24 -7.46 -14.75 -3.57
C THR A 24 -6.17 -14.70 -2.74
N ASN A 25 -6.32 -14.23 -1.50
CA ASN A 25 -5.22 -14.21 -0.52
C ASN A 25 -4.12 -13.27 -0.95
N LEU A 26 -4.51 -12.10 -1.39
CA LEU A 26 -3.56 -11.05 -1.75
C LEU A 26 -2.75 -10.62 -0.54
N ASP A 27 -3.38 -10.73 0.63
CA ASP A 27 -2.77 -10.38 1.90
C ASP A 27 -1.62 -11.33 2.22
N TYR A 28 -1.84 -12.61 1.97
CA TYR A 28 -0.80 -13.60 2.20
C TYR A 28 0.35 -13.42 1.22
N SER A 29 0.01 -12.99 -0.01
CA SER A 29 1.03 -12.71 -0.99
C SER A 29 1.87 -11.52 -0.56
N ARG A 30 1.20 -10.51 0.00
CA ARG A 30 1.86 -9.28 0.42
C ARG A 30 3.03 -9.58 1.35
N ARG A 31 2.81 -10.53 2.26
CA ARG A 31 3.84 -10.88 3.25
C ARG A 31 5.09 -11.45 2.59
N PHE A 32 4.92 -12.37 1.64
CA PHE A 32 6.06 -13.02 1.02
C PHE A 32 6.62 -12.17 -0.12
N LEU A 33 5.90 -11.10 -0.43
CA LEU A 33 6.30 -10.15 -1.47
C LEU A 33 7.21 -9.07 -0.90
N GLU A 34 7.33 -9.03 0.42
CA GLU A 34 8.07 -7.96 1.10
C GLU A 34 9.54 -7.94 0.62
N PRO A 35 10.26 -9.08 0.67
CA PRO A 35 11.66 -9.15 0.22
C PRO A 35 11.82 -8.76 -1.25
N PHE A 36 10.78 -8.97 -2.04
CA PHE A 36 10.82 -8.68 -3.47
C PHE A 36 10.60 -7.18 -3.70
N LEU A 37 9.74 -6.59 -2.89
CA LEU A 37 9.40 -5.18 -3.01
C LEU A 37 10.44 -4.31 -2.33
N ARG A 38 11.16 -4.88 -1.39
CA ARG A 38 12.23 -4.19 -0.68
C ARG A 38 13.26 -3.64 -1.67
N GLY A 39 13.14 -2.36 -2.00
CA GLY A 39 14.07 -1.72 -2.91
C GLY A 39 13.49 -1.50 -4.30
N ILE A 40 12.23 -1.08 -4.36
CA ILE A 40 11.60 -0.78 -5.65
C ILE A 40 11.08 0.65 -5.65
N ASN A 41 10.55 1.10 -6.77
CA ASN A 41 9.92 2.42 -6.82
C ASN A 41 8.52 2.29 -7.41
N VAL A 42 7.57 2.98 -6.80
CA VAL A 42 6.20 2.95 -7.27
C VAL A 42 5.61 4.35 -7.33
N VAL A 43 4.72 4.55 -8.29
CA VAL A 43 4.05 5.82 -8.44
C VAL A 43 2.76 5.82 -7.62
N TYR A 44 2.76 6.59 -6.56
CA TYR A 44 1.63 6.65 -5.65
C TYR A 44 0.64 7.71 -6.11
N THR A 45 -0.56 7.28 -6.44
CA THR A 45 -1.61 8.18 -6.85
C THR A 45 -2.52 8.47 -5.66
N PRO A 46 -2.42 9.67 -5.08
CA PRO A 46 -3.17 10.04 -3.89
C PRO A 46 -4.63 10.34 -4.18
N PRO A 47 -5.53 9.86 -3.31
CA PRO A 47 -6.95 10.21 -3.38
C PRO A 47 -7.14 11.72 -3.26
N GLN A 48 -8.17 12.22 -3.92
CA GLN A 48 -8.38 13.65 -4.11
C GLN A 48 -8.45 14.42 -2.79
N SER A 49 -8.84 13.74 -1.73
CA SER A 49 -8.96 14.37 -0.42
C SER A 49 -7.58 14.65 0.20
N PHE A 50 -6.53 14.11 -0.40
CA PHE A 50 -5.18 14.33 0.08
C PHE A 50 -4.58 15.60 -0.50
N GLN A 51 -5.02 15.95 -1.72
CA GLN A 51 -4.63 17.19 -2.38
C GLN A 51 -3.17 17.13 -2.81
N SER A 52 -2.76 15.96 -3.30
CA SER A 52 -1.38 15.74 -3.71
C SER A 52 -1.34 15.11 -5.10
N ALA A 53 -0.39 15.55 -5.90
CA ALA A 53 -0.17 14.98 -7.22
C ALA A 53 0.74 13.76 -7.10
N PRO A 54 0.47 12.71 -7.93
CA PRO A 54 1.20 11.43 -7.91
C PRO A 54 2.67 11.55 -7.55
N ARG A 55 3.04 10.88 -6.46
CA ARG A 55 4.41 10.93 -5.93
C ARG A 55 5.12 9.60 -6.18
N VAL A 56 6.35 9.66 -6.65
CA VAL A 56 7.13 8.46 -6.81
C VAL A 56 7.85 8.12 -5.51
N TYR A 57 7.44 7.02 -4.87
CA TYR A 57 8.02 6.63 -3.60
C TYR A 57 8.93 5.42 -3.76
N ARG A 58 10.01 5.41 -3.01
CA ARG A 58 10.93 4.29 -3.01
C ARG A 58 10.53 3.32 -1.91
N VAL A 59 10.10 2.14 -2.31
CA VAL A 59 9.67 1.12 -1.37
C VAL A 59 10.84 0.54 -0.60
N ASN A 60 10.84 0.80 0.70
CA ASN A 60 11.82 0.22 1.61
C ASN A 60 11.41 -1.21 1.91
N GLY A 61 10.10 -1.45 1.81
CA GLY A 61 9.56 -2.77 2.01
C GLY A 61 8.12 -2.71 2.44
N LEU A 62 7.70 -3.64 3.29
CA LEU A 62 6.33 -3.69 3.76
C LEU A 62 6.31 -3.82 5.28
N SER A 63 5.23 -3.39 5.89
CA SER A 63 5.06 -3.54 7.32
C SER A 63 4.31 -4.83 7.61
N ARG A 64 4.91 -5.65 8.47
CA ARG A 64 4.36 -6.95 8.86
C ARG A 64 2.94 -6.88 9.43
N ALA A 65 2.46 -5.67 9.72
CA ALA A 65 1.10 -5.51 10.21
C ALA A 65 0.20 -4.93 9.12
N PRO A 66 -0.95 -5.59 8.89
CA PRO A 66 -1.95 -5.14 7.90
C PRO A 66 -2.49 -3.76 8.23
N ALA A 67 -2.83 -3.01 7.18
CA ALA A 67 -3.26 -1.62 7.28
C ALA A 67 -4.50 -1.46 8.17
N SER A 68 -5.24 -2.54 8.33
CA SER A 68 -6.44 -2.54 9.15
C SER A 68 -6.12 -2.44 10.64
N SER A 69 -4.90 -2.83 11.02
CA SER A 69 -4.53 -2.87 12.42
C SER A 69 -3.25 -2.08 12.69
N GLU A 70 -2.60 -1.60 11.64
CA GLU A 70 -1.37 -0.85 11.78
C GLU A 70 -1.67 0.59 12.23
N THR A 71 -1.00 1.03 13.27
CA THR A 71 -1.18 2.36 13.80
C THR A 71 0.02 3.24 13.48
N PHE A 72 -0.23 4.52 13.26
CA PHE A 72 0.81 5.48 12.96
C PHE A 72 0.38 6.85 13.47
N GLU A 73 1.33 7.75 13.64
CA GLU A 73 1.02 9.05 14.20
C GLU A 73 0.64 10.04 13.10
N HIS A 74 -0.59 10.52 13.17
CA HIS A 74 -1.13 11.47 12.23
C HIS A 74 -1.74 12.64 12.99
N ASP A 75 -1.06 13.79 12.96
CA ASP A 75 -1.51 15.00 13.64
C ASP A 75 -1.54 14.80 15.15
N GLY A 76 -0.57 14.04 15.65
CA GLY A 76 -0.45 13.82 17.09
C GLY A 76 -1.34 12.69 17.57
N LYS A 77 -2.01 12.03 16.65
CA LYS A 77 -2.89 10.92 17.01
C LYS A 77 -2.41 9.64 16.34
N LYS A 78 -2.48 8.53 17.05
CA LYS A 78 -2.19 7.26 16.42
C LYS A 78 -3.47 6.61 15.95
N VAL A 79 -3.60 6.46 14.65
CA VAL A 79 -4.81 5.92 14.05
C VAL A 79 -4.45 4.69 13.22
N THR A 80 -5.44 4.05 12.66
CA THR A 80 -5.21 2.90 11.81
C THR A 80 -5.41 3.31 10.35
N ILE A 81 -4.57 2.76 9.48
CA ILE A 81 -4.55 3.17 8.07
C ILE A 81 -5.88 2.89 7.38
N ALA A 82 -6.59 1.85 7.83
CA ALA A 82 -7.88 1.51 7.25
C ALA A 82 -8.91 2.62 7.48
N SER A 83 -9.06 3.05 8.71
CA SER A 83 -10.00 4.12 9.05
C SER A 83 -9.47 5.46 8.59
N TYR A 84 -8.15 5.58 8.55
CA TYR A 84 -7.47 6.78 8.12
C TYR A 84 -7.79 7.10 6.65
N PHE A 85 -7.70 6.10 5.79
CA PHE A 85 -8.06 6.29 4.38
C PHE A 85 -9.57 6.36 4.21
N HIS A 86 -10.28 5.57 5.00
CA HIS A 86 -11.74 5.50 4.91
C HIS A 86 -12.35 6.88 5.15
N SER A 87 -11.85 7.60 6.15
CA SER A 87 -12.34 8.93 6.47
C SER A 87 -11.80 9.96 5.47
N ARG A 88 -10.68 9.61 4.84
CA ARG A 88 -10.04 10.49 3.88
C ARG A 88 -10.58 10.25 2.47
N ASN A 89 -11.73 9.58 2.39
CA ASN A 89 -12.44 9.36 1.14
C ASN A 89 -11.70 8.35 0.26
N TYR A 90 -11.27 7.27 0.87
CA TYR A 90 -10.75 6.15 0.11
C TYR A 90 -10.96 4.86 0.88
N PRO A 91 -12.11 4.21 0.68
CA PRO A 91 -12.39 2.91 1.27
C PRO A 91 -11.48 1.84 0.68
N LEU A 92 -10.71 1.19 1.54
CA LEU A 92 -9.70 0.25 1.09
C LEU A 92 -10.32 -1.01 0.52
N LYS A 93 -9.84 -1.41 -0.65
CA LYS A 93 -10.31 -2.60 -1.34
C LYS A 93 -9.81 -3.85 -0.63
N PHE A 94 -8.63 -3.73 -0.03
CA PHE A 94 -7.99 -4.84 0.69
C PHE A 94 -7.37 -4.31 1.98
N PRO A 95 -8.19 -3.91 2.96
CA PRO A 95 -7.73 -3.35 4.24
C PRO A 95 -6.68 -4.22 4.94
N GLN A 96 -6.74 -5.52 4.71
CA GLN A 96 -5.87 -6.46 5.42
C GLN A 96 -4.54 -6.69 4.70
N LEU A 97 -4.21 -5.84 3.74
CA LEU A 97 -2.91 -5.96 3.07
C LEU A 97 -1.81 -5.39 3.94
N HIS A 98 -0.62 -5.96 3.83
CA HIS A 98 0.55 -5.46 4.54
C HIS A 98 0.89 -4.06 4.06
N CYS A 99 1.04 -3.16 5.01
CA CYS A 99 1.26 -1.75 4.73
C CYS A 99 2.53 -1.54 3.92
N LEU A 100 2.39 -0.88 2.78
CA LEU A 100 3.54 -0.50 1.98
C LEU A 100 4.35 0.53 2.73
N ASN A 101 5.62 0.25 2.90
CA ASN A 101 6.50 1.13 3.65
C ASN A 101 7.52 1.74 2.72
N VAL A 102 7.30 2.99 2.37
CA VAL A 102 8.18 3.68 1.44
C VAL A 102 8.91 4.83 2.12
N GLY A 103 9.95 5.32 1.49
CA GLY A 103 10.72 6.41 2.05
C GLY A 103 12.01 5.95 2.69
N SER A 104 12.12 6.14 3.99
CA SER A 104 13.35 5.82 4.69
C SER A 104 13.03 5.19 6.05
N SER A 105 14.07 4.77 6.75
CA SER A 105 13.90 4.24 8.09
C SER A 105 13.56 5.36 9.06
N ILE A 106 14.15 6.53 8.84
CA ILE A 106 13.94 7.69 9.71
C ILE A 106 12.55 8.30 9.46
N LYS A 107 12.12 8.27 8.20
CA LYS A 107 10.79 8.72 7.85
C LYS A 107 10.10 7.63 7.03
N SER A 108 9.15 6.96 7.65
CA SER A 108 8.48 5.83 7.02
C SER A 108 7.08 6.22 6.57
N ILE A 109 6.80 6.03 5.29
CA ILE A 109 5.49 6.33 4.74
C ILE A 109 4.72 5.03 4.56
N LEU A 110 3.57 4.92 5.19
CA LEU A 110 2.77 3.71 5.10
C LEU A 110 1.51 3.94 4.26
N LEU A 111 1.40 3.18 3.19
CA LEU A 111 0.25 3.28 2.27
C LEU A 111 -0.13 1.90 1.73
N PRO A 112 -1.33 1.74 1.16
CA PRO A 112 -1.73 0.50 0.50
C PRO A 112 -1.29 0.49 -0.96
N ILE A 113 -0.81 -0.67 -1.42
CA ILE A 113 -0.28 -0.81 -2.77
C ILE A 113 -1.37 -0.62 -3.84
N GLU A 114 -2.62 -0.59 -3.40
CA GLU A 114 -3.77 -0.32 -4.28
C GLU A 114 -3.66 1.08 -4.88
N LEU A 115 -2.96 1.97 -4.18
CA LEU A 115 -2.82 3.35 -4.61
C LEU A 115 -1.50 3.58 -5.33
N CYS A 116 -0.90 2.49 -5.78
CA CYS A 116 0.40 2.57 -6.42
C CYS A 116 0.37 1.94 -7.80
N SER A 117 1.03 2.58 -8.74
CA SER A 117 1.23 2.02 -10.06
C SER A 117 2.72 1.85 -10.30
N ILE A 118 3.10 0.77 -10.94
CA ILE A 118 4.49 0.49 -11.17
C ILE A 118 4.89 0.95 -12.57
N GLU A 119 6.08 1.55 -12.67
CA GLU A 119 6.53 2.11 -13.94
C GLU A 119 7.09 1.01 -14.83
N GLU A 120 6.62 0.96 -16.07
CA GLU A 120 7.03 -0.09 -17.00
C GLU A 120 8.48 0.09 -17.43
N ALA A 4 2.12 4.31 -16.15
CA ALA A 4 1.76 3.85 -14.83
C ALA A 4 0.89 2.60 -14.93
N MET A 5 1.47 1.44 -14.65
CA MET A 5 0.73 0.20 -14.64
C MET A 5 0.28 -0.13 -13.21
N PRO A 6 -1.03 -0.25 -12.98
CA PRO A 6 -1.56 -0.52 -11.66
C PRO A 6 -0.91 -1.74 -11.03
N MET A 7 -0.33 -1.56 -9.84
CA MET A 7 0.44 -2.60 -9.19
C MET A 7 -0.43 -3.81 -8.85
N ILE A 8 -1.70 -3.58 -8.57
CA ILE A 8 -2.62 -4.69 -8.31
C ILE A 8 -2.83 -5.51 -9.59
N GLU A 9 -2.88 -4.80 -10.73
CA GLU A 9 -2.96 -5.45 -12.04
C GLU A 9 -1.71 -6.29 -12.26
N TYR A 10 -0.56 -5.70 -11.93
CA TYR A 10 0.72 -6.38 -12.01
C TYR A 10 0.71 -7.62 -11.12
N LEU A 11 0.20 -7.47 -9.91
CA LEU A 11 0.12 -8.58 -8.97
C LEU A 11 -0.76 -9.69 -9.52
N GLU A 12 -1.93 -9.34 -10.03
CA GLU A 12 -2.87 -10.35 -10.55
C GLU A 12 -2.24 -11.14 -11.69
N ARG A 13 -1.72 -10.44 -12.68
CA ARG A 13 -1.23 -11.08 -13.90
C ARG A 13 0.11 -11.78 -13.67
N PHE A 14 1.03 -11.10 -13.01
CA PHE A 14 2.42 -11.56 -12.96
C PHE A 14 2.79 -12.23 -11.64
N SER A 15 2.42 -11.61 -10.52
CA SER A 15 2.86 -12.08 -9.22
C SER A 15 2.02 -13.26 -8.73
N LEU A 16 0.72 -13.18 -8.96
CA LEU A 16 -0.20 -14.23 -8.55
C LEU A 16 -0.36 -15.26 -9.65
N LYS A 17 -0.38 -14.78 -10.90
CA LYS A 17 -0.63 -15.63 -12.06
C LYS A 17 -2.01 -16.25 -11.94
N ALA A 18 -2.94 -15.45 -11.44
CA ALA A 18 -4.28 -15.88 -11.13
C ALA A 18 -5.23 -14.69 -11.20
N LYS A 19 -6.32 -14.74 -10.45
CA LYS A 19 -7.27 -13.64 -10.45
C LYS A 19 -7.26 -12.94 -9.09
N ILE A 20 -7.19 -11.62 -9.10
CA ILE A 20 -7.10 -10.83 -7.89
C ILE A 20 -8.50 -10.61 -7.30
N ASN A 21 -8.61 -10.72 -6.00
CA ASN A 21 -9.86 -10.48 -5.30
C ASN A 21 -9.57 -10.14 -3.85
N ASN A 22 -10.61 -9.87 -3.07
CA ASN A 22 -10.43 -9.67 -1.64
C ASN A 22 -10.31 -11.03 -0.96
N THR A 23 -10.87 -12.04 -1.62
CA THR A 23 -10.93 -13.39 -1.08
C THR A 23 -9.65 -14.18 -1.32
N THR A 24 -8.76 -13.66 -2.17
CA THR A 24 -7.50 -14.33 -2.43
C THR A 24 -6.52 -14.05 -1.29
N ASN A 25 -5.39 -14.75 -1.28
CA ASN A 25 -4.43 -14.64 -0.18
C ASN A 25 -3.59 -13.37 -0.33
N LEU A 26 -4.29 -12.26 -0.54
CA LEU A 26 -3.68 -10.98 -0.85
C LEU A 26 -2.65 -10.56 0.20
N ASP A 27 -3.00 -10.72 1.48
CA ASP A 27 -2.09 -10.35 2.57
C ASP A 27 -0.95 -11.36 2.68
N TYR A 28 -1.26 -12.63 2.44
CA TYR A 28 -0.25 -13.67 2.48
C TYR A 28 0.78 -13.46 1.39
N SER A 29 0.33 -12.93 0.25
CA SER A 29 1.25 -12.61 -0.82
C SER A 29 2.02 -11.33 -0.52
N ARG A 30 1.42 -10.44 0.27
CA ARG A 30 2.11 -9.20 0.65
C ARG A 30 3.42 -9.53 1.35
N ARG A 31 3.34 -10.35 2.39
CA ARG A 31 4.52 -10.73 3.16
C ARG A 31 5.49 -11.54 2.29
N PHE A 32 4.95 -12.24 1.31
CA PHE A 32 5.74 -13.05 0.38
C PHE A 32 6.39 -12.15 -0.68
N LEU A 33 5.74 -11.02 -0.96
CA LEU A 33 6.23 -10.04 -1.92
C LEU A 33 7.19 -9.05 -1.27
N GLU A 34 7.28 -9.13 0.05
CA GLU A 34 8.07 -8.19 0.84
C GLU A 34 9.51 -8.06 0.30
N PRO A 35 10.26 -9.18 0.14
CA PRO A 35 11.64 -9.14 -0.37
C PRO A 35 11.73 -8.65 -1.82
N PHE A 36 10.62 -8.76 -2.55
CA PHE A 36 10.59 -8.36 -3.95
C PHE A 36 10.35 -6.87 -4.06
N LEU A 37 9.53 -6.35 -3.17
CA LEU A 37 9.21 -4.93 -3.14
C LEU A 37 10.33 -4.15 -2.45
N ARG A 38 11.05 -4.86 -1.60
CA ARG A 38 12.22 -4.31 -0.91
C ARG A 38 13.25 -3.73 -1.89
N GLY A 39 13.15 -2.44 -2.15
CA GLY A 39 14.09 -1.77 -3.03
C GLY A 39 13.50 -1.46 -4.39
N ILE A 40 12.24 -1.04 -4.43
CA ILE A 40 11.60 -0.68 -5.70
C ILE A 40 11.07 0.75 -5.66
N ASN A 41 10.54 1.23 -6.77
CA ASN A 41 9.89 2.53 -6.80
C ASN A 41 8.50 2.40 -7.41
N VAL A 42 7.53 3.04 -6.78
CA VAL A 42 6.16 2.98 -7.25
C VAL A 42 5.54 4.37 -7.28
N VAL A 43 4.66 4.58 -8.24
CA VAL A 43 3.95 5.84 -8.36
C VAL A 43 2.68 5.78 -7.53
N TYR A 44 2.66 6.52 -6.45
CA TYR A 44 1.49 6.56 -5.58
C TYR A 44 0.55 7.65 -6.06
N THR A 45 -0.57 7.24 -6.62
CA THR A 45 -1.57 8.19 -7.07
C THR A 45 -2.60 8.41 -5.96
N PRO A 46 -2.53 9.56 -5.30
CA PRO A 46 -3.40 9.90 -4.19
C PRO A 46 -4.76 10.41 -4.65
N PRO A 47 -5.84 9.94 -4.01
CA PRO A 47 -7.18 10.48 -4.24
C PRO A 47 -7.20 11.98 -3.98
N GLN A 48 -8.04 12.69 -4.73
CA GLN A 48 -8.06 14.15 -4.73
C GLN A 48 -8.44 14.72 -3.36
N SER A 49 -8.96 13.86 -2.49
CA SER A 49 -9.31 14.26 -1.13
C SER A 49 -8.07 14.40 -0.25
N PHE A 50 -6.93 13.94 -0.76
CA PHE A 50 -5.67 14.05 -0.04
C PHE A 50 -4.93 15.33 -0.39
N GLN A 51 -5.27 15.90 -1.56
CA GLN A 51 -4.66 17.11 -2.07
C GLN A 51 -3.18 16.87 -2.36
N SER A 52 -2.86 15.67 -2.81
CA SER A 52 -1.50 15.31 -3.15
C SER A 52 -1.41 14.87 -4.61
N ALA A 53 -0.33 15.26 -5.27
CA ALA A 53 -0.09 14.88 -6.65
C ALA A 53 0.64 13.54 -6.71
N PRO A 54 0.32 12.70 -7.72
CA PRO A 54 0.96 11.39 -7.94
C PRO A 54 2.47 11.43 -7.68
N ARG A 55 2.87 10.80 -6.59
CA ARG A 55 4.24 10.92 -6.11
C ARG A 55 4.95 9.56 -6.19
N VAL A 56 6.16 9.56 -6.72
CA VAL A 56 6.93 8.33 -6.78
C VAL A 56 7.62 8.05 -5.44
N TYR A 57 7.28 6.95 -4.82
CA TYR A 57 7.86 6.58 -3.55
C TYR A 57 8.76 5.36 -3.69
N ARG A 58 9.87 5.38 -2.96
CA ARG A 58 10.82 4.29 -2.99
C ARG A 58 10.54 3.33 -1.84
N VAL A 59 10.26 2.08 -2.19
CA VAL A 59 9.88 1.07 -1.23
C VAL A 59 11.09 0.45 -0.55
N ASN A 60 11.18 0.65 0.76
CA ASN A 60 12.16 -0.02 1.60
C ASN A 60 11.72 -1.46 1.82
N GLY A 61 10.41 -1.65 1.88
CA GLY A 61 9.83 -2.97 2.02
C GLY A 61 8.39 -2.91 2.47
N LEU A 62 7.95 -3.87 3.27
CA LEU A 62 6.57 -3.91 3.75
C LEU A 62 6.56 -3.91 5.26
N SER A 63 5.44 -3.47 5.83
CA SER A 63 5.34 -3.20 7.25
C SER A 63 4.99 -4.45 8.08
N ARG A 64 4.99 -4.24 9.38
CA ARG A 64 4.74 -5.29 10.36
C ARG A 64 3.30 -5.82 10.31
N ALA A 65 2.31 -4.94 10.16
CA ALA A 65 0.92 -5.37 10.25
C ALA A 65 0.05 -4.78 9.14
N PRO A 66 -1.11 -5.43 8.88
CA PRO A 66 -2.11 -4.93 7.92
C PRO A 66 -2.69 -3.58 8.33
N ALA A 67 -3.13 -2.81 7.33
CA ALA A 67 -3.60 -1.44 7.51
C ALA A 67 -4.79 -1.34 8.46
N SER A 68 -5.49 -2.45 8.66
CA SER A 68 -6.64 -2.47 9.54
C SER A 68 -6.24 -2.36 11.02
N SER A 69 -5.01 -2.76 11.33
CA SER A 69 -4.56 -2.78 12.71
C SER A 69 -3.31 -1.92 12.90
N GLU A 70 -2.71 -1.49 11.80
CA GLU A 70 -1.47 -0.73 11.86
C GLU A 70 -1.75 0.71 12.30
N THR A 71 -1.20 1.07 13.45
CA THR A 71 -1.33 2.42 13.96
C THR A 71 -0.07 3.22 13.67
N PHE A 72 -0.25 4.51 13.44
CA PHE A 72 0.86 5.38 13.12
C PHE A 72 0.53 6.78 13.62
N GLU A 73 1.56 7.52 13.98
CA GLU A 73 1.37 8.85 14.55
C GLU A 73 1.37 9.90 13.44
N HIS A 74 0.20 10.46 13.20
CA HIS A 74 0.01 11.45 12.15
C HIS A 74 -0.68 12.67 12.73
N ASP A 75 -0.01 13.82 12.65
CA ASP A 75 -0.51 15.07 13.23
C ASP A 75 -0.56 14.95 14.75
N GLY A 76 0.24 14.04 15.29
CA GLY A 76 0.26 13.81 16.71
C GLY A 76 -0.79 12.83 17.17
N LYS A 77 -1.58 12.34 16.23
CA LYS A 77 -2.65 11.40 16.54
C LYS A 77 -2.32 10.02 15.96
N LYS A 78 -2.44 8.99 16.79
CA LYS A 78 -2.22 7.63 16.32
C LYS A 78 -3.52 7.02 15.84
N VAL A 79 -3.59 6.76 14.54
CA VAL A 79 -4.78 6.19 13.93
C VAL A 79 -4.40 4.93 13.18
N THR A 80 -5.39 4.26 12.62
CA THR A 80 -5.16 3.10 11.78
C THR A 80 -5.31 3.50 10.33
N ILE A 81 -4.48 2.93 9.47
CA ILE A 81 -4.45 3.31 8.06
C ILE A 81 -5.79 3.05 7.38
N ALA A 82 -6.50 2.02 7.81
CA ALA A 82 -7.80 1.71 7.24
C ALA A 82 -8.81 2.83 7.51
N SER A 83 -8.94 3.23 8.77
CA SER A 83 -9.88 4.29 9.14
C SER A 83 -9.37 5.63 8.62
N TYR A 84 -8.06 5.74 8.53
CA TYR A 84 -7.39 6.91 8.03
C TYR A 84 -7.75 7.18 6.57
N PHE A 85 -7.73 6.14 5.74
CA PHE A 85 -8.14 6.28 4.35
C PHE A 85 -9.66 6.40 4.24
N HIS A 86 -10.40 5.66 5.06
CA HIS A 86 -11.86 5.74 5.06
C HIS A 86 -12.34 7.17 5.27
N SER A 87 -11.81 7.83 6.29
CA SER A 87 -12.21 9.20 6.62
C SER A 87 -11.61 10.17 5.62
N ARG A 88 -10.55 9.75 4.95
CA ARG A 88 -9.93 10.55 3.91
C ARG A 88 -10.63 10.33 2.57
N ASN A 89 -11.82 9.72 2.65
CA ASN A 89 -12.70 9.53 1.49
C ASN A 89 -12.14 8.51 0.50
N TYR A 90 -11.48 7.50 1.03
CA TYR A 90 -11.07 6.37 0.21
C TYR A 90 -11.27 5.06 0.98
N PRO A 91 -12.41 4.39 0.77
CA PRO A 91 -12.66 3.09 1.37
C PRO A 91 -11.80 2.00 0.72
N LEU A 92 -10.83 1.52 1.48
CA LEU A 92 -9.89 0.52 0.99
C LEU A 92 -10.60 -0.73 0.47
N LYS A 93 -10.18 -1.15 -0.72
CA LYS A 93 -10.72 -2.35 -1.34
C LYS A 93 -10.04 -3.59 -0.76
N PHE A 94 -8.86 -3.38 -0.20
CA PHE A 94 -8.11 -4.44 0.45
C PHE A 94 -7.41 -3.87 1.69
N PRO A 95 -8.17 -3.56 2.75
CA PRO A 95 -7.61 -2.98 3.99
C PRO A 95 -6.78 -4.00 4.77
N GLN A 96 -7.04 -5.27 4.50
CA GLN A 96 -6.46 -6.35 5.26
C GLN A 96 -5.13 -6.82 4.68
N LEU A 97 -4.44 -5.93 3.98
CA LEU A 97 -3.13 -6.25 3.43
C LEU A 97 -2.03 -5.59 4.26
N HIS A 98 -0.82 -6.16 4.19
CA HIS A 98 0.34 -5.53 4.80
C HIS A 98 0.59 -4.18 4.14
N CYS A 99 0.93 -3.20 4.95
CA CYS A 99 1.05 -1.84 4.48
C CYS A 99 2.37 -1.66 3.75
N LEU A 100 2.32 -1.03 2.59
CA LEU A 100 3.52 -0.69 1.86
C LEU A 100 4.32 0.31 2.65
N ASN A 101 5.59 0.01 2.87
CA ASN A 101 6.42 0.85 3.69
C ASN A 101 7.48 1.50 2.82
N VAL A 102 7.19 2.71 2.38
CA VAL A 102 8.12 3.44 1.54
C VAL A 102 8.91 4.43 2.37
N GLY A 103 10.00 4.91 1.80
CA GLY A 103 10.89 5.79 2.52
C GLY A 103 11.99 5.02 3.23
N SER A 104 12.70 5.68 4.12
CA SER A 104 13.75 5.03 4.89
C SER A 104 13.18 4.52 6.20
N SER A 105 13.80 3.47 6.74
CA SER A 105 13.27 2.79 7.92
C SER A 105 13.27 3.67 9.17
N ILE A 106 13.86 4.85 9.07
CA ILE A 106 13.84 5.82 10.16
C ILE A 106 12.51 6.56 10.19
N LYS A 107 11.91 6.75 9.01
CA LYS A 107 10.59 7.35 8.92
C LYS A 107 9.75 6.61 7.90
N SER A 108 8.78 5.86 8.40
CA SER A 108 7.99 4.97 7.59
C SER A 108 6.79 5.68 6.97
N ILE A 109 6.70 5.64 5.65
CA ILE A 109 5.50 6.10 4.96
C ILE A 109 4.65 4.88 4.64
N LEU A 110 3.51 4.75 5.29
CA LEU A 110 2.69 3.57 5.14
C LEU A 110 1.47 3.84 4.27
N LEU A 111 1.34 3.04 3.21
CA LEU A 111 0.21 3.14 2.28
C LEU A 111 -0.06 1.78 1.64
N PRO A 112 -1.32 1.48 1.26
CA PRO A 112 -1.66 0.24 0.56
C PRO A 112 -1.29 0.29 -0.92
N ILE A 113 -0.89 -0.87 -1.46
CA ILE A 113 -0.36 -0.93 -2.82
C ILE A 113 -1.46 -0.75 -3.88
N GLU A 114 -2.73 -0.78 -3.47
CA GLU A 114 -3.85 -0.55 -4.39
C GLU A 114 -3.75 0.83 -5.03
N LEU A 115 -3.19 1.79 -4.30
CA LEU A 115 -3.09 3.15 -4.79
C LEU A 115 -1.72 3.41 -5.40
N CYS A 116 -1.03 2.35 -5.77
CA CYS A 116 0.30 2.46 -6.34
C CYS A 116 0.35 1.83 -7.72
N SER A 117 1.04 2.49 -8.64
CA SER A 117 1.27 1.94 -9.96
C SER A 117 2.76 1.78 -10.19
N ILE A 118 3.14 0.73 -10.87
CA ILE A 118 4.53 0.46 -11.12
C ILE A 118 4.90 0.97 -12.51
N GLU A 119 6.08 1.56 -12.63
CA GLU A 119 6.51 2.18 -13.87
C GLU A 119 6.76 1.11 -14.92
N GLU A 120 5.96 1.15 -15.98
CA GLU A 120 5.98 0.11 -17.00
C GLU A 120 7.22 0.23 -17.90
N ALA A 4 2.59 4.21 -15.81
CA ALA A 4 2.57 3.36 -14.64
C ALA A 4 1.53 2.27 -14.76
N MET A 5 1.81 1.13 -14.14
CA MET A 5 0.91 0.00 -14.15
C MET A 5 0.31 -0.20 -12.76
N PRO A 6 -1.02 -0.21 -12.65
CA PRO A 6 -1.72 -0.46 -11.38
C PRO A 6 -1.12 -1.65 -10.65
N MET A 7 -0.58 -1.40 -9.46
CA MET A 7 0.19 -2.41 -8.75
C MET A 7 -0.71 -3.55 -8.30
N ILE A 8 -1.97 -3.26 -8.01
CA ILE A 8 -2.93 -4.29 -7.66
C ILE A 8 -3.16 -5.22 -8.86
N GLU A 9 -3.26 -4.63 -10.05
CA GLU A 9 -3.40 -5.42 -11.27
C GLU A 9 -2.10 -6.16 -11.56
N TYR A 10 -0.97 -5.56 -11.17
CA TYR A 10 0.33 -6.21 -11.29
C TYR A 10 0.37 -7.44 -10.38
N LEU A 11 -0.20 -7.29 -9.19
CA LEU A 11 -0.33 -8.39 -8.25
C LEU A 11 -1.15 -9.51 -8.89
N GLU A 12 -2.27 -9.12 -9.47
CA GLU A 12 -3.19 -10.06 -10.08
C GLU A 12 -2.55 -10.77 -11.29
N ARG A 13 -2.04 -9.99 -12.23
CA ARG A 13 -1.54 -10.52 -13.49
C ARG A 13 -0.15 -11.15 -13.36
N PHE A 14 0.77 -10.44 -12.72
CA PHE A 14 2.17 -10.86 -12.73
C PHE A 14 2.56 -11.64 -11.47
N SER A 15 2.10 -11.22 -10.31
CA SER A 15 2.53 -11.83 -9.06
C SER A 15 1.75 -13.10 -8.75
N LEU A 16 0.44 -13.05 -8.96
CA LEU A 16 -0.42 -14.21 -8.76
C LEU A 16 -0.57 -15.00 -10.04
N LYS A 17 -0.53 -14.27 -11.16
CA LYS A 17 -0.70 -14.84 -12.49
C LYS A 17 -2.10 -15.40 -12.67
N ALA A 18 -3.04 -14.83 -11.92
CA ALA A 18 -4.42 -15.28 -11.92
C ALA A 18 -5.35 -14.09 -11.66
N LYS A 19 -6.29 -14.26 -10.75
CA LYS A 19 -7.18 -13.18 -10.37
C LYS A 19 -6.91 -12.74 -8.93
N ILE A 20 -7.08 -11.44 -8.67
CA ILE A 20 -6.89 -10.88 -7.35
C ILE A 20 -8.26 -10.49 -6.77
N ASN A 21 -8.46 -10.70 -5.48
CA ASN A 21 -9.72 -10.32 -4.84
C ASN A 21 -9.63 -10.44 -3.31
N ASN A 22 -10.77 -10.47 -2.66
CA ASN A 22 -10.85 -10.53 -1.20
C ASN A 22 -10.38 -11.88 -0.68
N THR A 23 -10.74 -12.93 -1.39
CA THR A 23 -10.48 -14.29 -0.93
C THR A 23 -9.29 -14.93 -1.64
N THR A 24 -8.45 -14.12 -2.28
CA THR A 24 -7.28 -14.64 -2.97
C THR A 24 -6.03 -14.48 -2.12
N ASN A 25 -6.12 -14.92 -0.87
CA ASN A 25 -5.04 -14.86 0.11
C ASN A 25 -4.26 -13.55 0.03
N LEU A 26 -4.97 -12.44 0.19
CA LEU A 26 -4.39 -11.11 0.07
C LEU A 26 -3.27 -10.86 1.09
N ASP A 27 -3.31 -11.59 2.20
CA ASP A 27 -2.24 -11.55 3.18
C ASP A 27 -0.96 -12.12 2.57
N TYR A 28 -1.11 -13.30 2.00
CA TYR A 28 0.03 -14.07 1.52
C TYR A 28 0.67 -13.41 0.32
N SER A 29 -0.12 -12.70 -0.48
CA SER A 29 0.43 -11.96 -1.59
C SER A 29 1.37 -10.88 -1.07
N ARG A 30 0.83 -10.00 -0.23
CA ARG A 30 1.59 -8.86 0.29
C ARG A 30 2.80 -9.33 1.09
N ARG A 31 2.61 -10.32 1.95
CA ARG A 31 3.69 -10.80 2.81
C ARG A 31 4.82 -11.42 1.98
N PHE A 32 4.48 -12.15 0.92
CA PHE A 32 5.47 -12.78 0.06
C PHE A 32 6.00 -11.79 -0.98
N LEU A 33 5.24 -10.72 -1.19
CA LEU A 33 5.63 -9.65 -2.11
C LEU A 33 6.68 -8.74 -1.46
N GLU A 34 6.88 -8.90 -0.16
CA GLU A 34 7.77 -8.01 0.61
C GLU A 34 9.21 -8.03 0.06
N PRO A 35 9.87 -9.23 -0.03
CA PRO A 35 11.25 -9.31 -0.52
C PRO A 35 11.38 -8.86 -1.97
N PHE A 36 10.27 -8.87 -2.69
CA PHE A 36 10.24 -8.47 -4.08
C PHE A 36 10.23 -6.95 -4.18
N LEU A 37 9.56 -6.31 -3.23
CA LEU A 37 9.37 -4.88 -3.24
C LEU A 37 10.57 -4.13 -2.67
N ARG A 38 11.35 -4.80 -1.82
CA ARG A 38 12.53 -4.19 -1.22
C ARG A 38 13.45 -3.57 -2.29
N GLY A 39 13.40 -2.26 -2.41
CA GLY A 39 14.28 -1.56 -3.32
C GLY A 39 13.64 -1.32 -4.67
N ILE A 40 12.36 -0.95 -4.68
CA ILE A 40 11.69 -0.60 -5.94
C ILE A 40 11.12 0.80 -5.84
N ASN A 41 10.57 1.29 -6.93
CA ASN A 41 9.93 2.60 -6.94
C ASN A 41 8.51 2.47 -7.46
N VAL A 42 7.59 3.13 -6.80
CA VAL A 42 6.18 3.08 -7.18
C VAL A 42 5.57 4.48 -7.15
N VAL A 43 4.61 4.72 -8.01
CA VAL A 43 3.90 5.97 -8.01
C VAL A 43 2.58 5.85 -7.28
N TYR A 44 2.44 6.62 -6.21
CA TYR A 44 1.25 6.60 -5.40
C TYR A 44 0.25 7.61 -5.94
N THR A 45 -0.90 7.11 -6.35
CA THR A 45 -1.94 7.96 -6.91
C THR A 45 -2.92 8.37 -5.81
N PRO A 46 -2.85 9.64 -5.39
CA PRO A 46 -3.70 10.17 -4.33
C PRO A 46 -5.09 10.51 -4.84
N PRO A 47 -6.11 9.97 -4.19
CA PRO A 47 -7.51 10.32 -4.47
C PRO A 47 -7.72 11.82 -4.43
N GLN A 48 -8.68 12.30 -5.22
CA GLN A 48 -8.87 13.73 -5.43
C GLN A 48 -9.20 14.46 -4.13
N SER A 49 -9.63 13.72 -3.12
CA SER A 49 -9.90 14.32 -1.81
C SER A 49 -8.60 14.69 -1.11
N PHE A 50 -7.49 14.10 -1.55
CA PHE A 50 -6.19 14.40 -0.98
C PHE A 50 -5.58 15.66 -1.59
N GLN A 51 -6.03 15.98 -2.82
CA GLN A 51 -5.64 17.20 -3.51
C GLN A 51 -4.15 17.19 -3.84
N SER A 52 -3.63 16.01 -4.18
CA SER A 52 -2.21 15.84 -4.41
C SER A 52 -1.95 15.10 -5.73
N ALA A 53 -0.83 15.42 -6.36
CA ALA A 53 -0.41 14.77 -7.60
C ALA A 53 0.39 13.51 -7.29
N PRO A 54 0.22 12.44 -8.10
CA PRO A 54 0.93 11.16 -7.91
C PRO A 54 2.42 11.33 -7.67
N ARG A 55 2.88 10.78 -6.54
CA ARG A 55 4.27 10.92 -6.13
C ARG A 55 4.98 9.57 -6.21
N VAL A 56 6.25 9.58 -6.59
CA VAL A 56 7.01 8.36 -6.69
C VAL A 56 7.79 8.11 -5.39
N TYR A 57 7.46 7.03 -4.70
CA TYR A 57 8.08 6.72 -3.43
C TYR A 57 9.03 5.54 -3.56
N ARG A 58 10.10 5.58 -2.77
CA ARG A 58 11.06 4.50 -2.73
C ARG A 58 10.60 3.43 -1.77
N VAL A 59 10.30 2.26 -2.32
CA VAL A 59 9.84 1.14 -1.51
C VAL A 59 11.01 0.47 -0.83
N ASN A 60 11.05 0.59 0.49
CA ASN A 60 12.08 -0.03 1.30
C ASN A 60 11.67 -1.45 1.66
N GLY A 61 10.40 -1.63 1.95
CA GLY A 61 9.87 -2.93 2.29
C GLY A 61 8.42 -2.87 2.67
N LEU A 62 7.95 -3.86 3.42
CA LEU A 62 6.55 -3.93 3.84
C LEU A 62 6.46 -4.18 5.33
N SER A 63 5.35 -3.80 5.93
CA SER A 63 5.09 -4.11 7.33
C SER A 63 4.27 -5.39 7.42
N ARG A 64 4.79 -6.38 8.14
CA ARG A 64 4.08 -7.65 8.36
C ARG A 64 2.69 -7.46 8.99
N ALA A 65 2.41 -6.26 9.46
CA ALA A 65 1.10 -5.93 9.98
C ALA A 65 0.27 -5.21 8.93
N PRO A 66 -0.93 -5.73 8.63
CA PRO A 66 -1.87 -5.13 7.66
C PRO A 66 -2.34 -3.74 8.07
N ALA A 67 -2.76 -2.97 7.07
CA ALA A 67 -3.16 -1.57 7.27
C ALA A 67 -4.36 -1.43 8.20
N SER A 68 -5.08 -2.52 8.41
CA SER A 68 -6.23 -2.52 9.31
C SER A 68 -5.78 -2.68 10.76
N SER A 69 -4.55 -3.14 10.96
CA SER A 69 -4.05 -3.41 12.30
C SER A 69 -2.89 -2.48 12.66
N GLU A 70 -2.43 -1.70 11.69
CA GLU A 70 -1.32 -0.78 11.92
C GLU A 70 -1.82 0.60 12.34
N THR A 71 -1.45 1.00 13.55
CA THR A 71 -1.72 2.35 13.99
C THR A 71 -0.45 3.18 13.95
N PHE A 72 -0.47 4.25 13.16
CA PHE A 72 0.65 5.17 13.10
C PHE A 72 0.30 6.52 13.70
N GLU A 73 1.31 7.30 14.02
CA GLU A 73 1.11 8.61 14.62
C GLU A 73 1.01 9.68 13.54
N HIS A 74 -0.14 10.33 13.50
CA HIS A 74 -0.41 11.39 12.54
C HIS A 74 -1.00 12.58 13.29
N ASP A 75 -0.28 13.70 13.28
CA ASP A 75 -0.65 14.88 14.07
C ASP A 75 -0.68 14.53 15.56
N GLY A 76 0.18 13.60 15.95
CA GLY A 76 0.26 13.19 17.33
C GLY A 76 -0.89 12.28 17.74
N LYS A 77 -1.64 11.79 16.76
CA LYS A 77 -2.75 10.89 17.03
C LYS A 77 -2.49 9.55 16.37
N LYS A 78 -2.93 8.48 17.00
CA LYS A 78 -2.81 7.16 16.41
C LYS A 78 -4.10 6.77 15.71
N VAL A 79 -3.98 6.34 14.47
CA VAL A 79 -5.12 5.88 13.70
C VAL A 79 -4.69 4.69 12.85
N THR A 80 -5.63 3.91 12.36
CA THR A 80 -5.32 2.81 11.47
C THR A 80 -5.42 3.30 10.04
N ILE A 81 -4.54 2.81 9.18
CA ILE A 81 -4.51 3.24 7.79
C ILE A 81 -5.83 2.95 7.09
N ALA A 82 -6.54 1.93 7.56
CA ALA A 82 -7.86 1.60 7.03
C ALA A 82 -8.85 2.74 7.26
N SER A 83 -8.93 3.22 8.50
CA SER A 83 -9.81 4.32 8.83
C SER A 83 -9.25 5.64 8.30
N TYR A 84 -7.93 5.70 8.28
CA TYR A 84 -7.20 6.87 7.82
C TYR A 84 -7.53 7.21 6.37
N PHE A 85 -7.52 6.20 5.50
CA PHE A 85 -7.91 6.42 4.11
C PHE A 85 -9.42 6.56 3.98
N HIS A 86 -10.15 5.79 4.77
CA HIS A 86 -11.62 5.79 4.71
C HIS A 86 -12.17 7.19 5.00
N SER A 87 -11.66 7.82 6.05
CA SER A 87 -12.09 9.17 6.42
C SER A 87 -11.64 10.19 5.39
N ARG A 88 -10.53 9.88 4.73
CA ARG A 88 -10.00 10.74 3.68
C ARG A 88 -10.62 10.40 2.32
N ASN A 89 -11.71 9.64 2.37
CA ASN A 89 -12.56 9.36 1.22
C ASN A 89 -11.93 8.37 0.24
N TYR A 90 -11.21 7.39 0.77
CA TYR A 90 -10.74 6.28 -0.05
C TYR A 90 -10.87 4.97 0.71
N PRO A 91 -11.92 4.21 0.42
CA PRO A 91 -12.10 2.87 0.98
C PRO A 91 -11.20 1.85 0.28
N LEU A 92 -10.40 1.14 1.07
CA LEU A 92 -9.46 0.17 0.53
C LEU A 92 -10.18 -1.07 0.02
N LYS A 93 -9.74 -1.56 -1.13
CA LYS A 93 -10.32 -2.76 -1.70
C LYS A 93 -9.81 -4.00 -0.96
N PHE A 94 -8.68 -3.84 -0.29
CA PHE A 94 -8.13 -4.88 0.56
C PHE A 94 -7.61 -4.24 1.85
N PRO A 95 -8.50 -3.81 2.75
CA PRO A 95 -8.12 -3.19 4.04
C PRO A 95 -7.10 -4.03 4.83
N GLN A 96 -7.10 -5.33 4.56
CA GLN A 96 -6.22 -6.25 5.28
C GLN A 96 -4.92 -6.50 4.52
N LEU A 97 -4.51 -5.55 3.70
CA LEU A 97 -3.24 -5.68 2.99
C LEU A 97 -2.11 -5.13 3.85
N HIS A 98 -0.94 -5.72 3.71
CA HIS A 98 0.24 -5.30 4.43
C HIS A 98 0.69 -3.91 3.99
N CYS A 99 0.97 -3.07 4.97
CA CYS A 99 1.33 -1.68 4.73
C CYS A 99 2.64 -1.57 3.95
N LEU A 100 2.62 -0.78 2.88
CA LEU A 100 3.83 -0.50 2.13
C LEU A 100 4.65 0.50 2.90
N ASN A 101 5.92 0.19 3.08
CA ASN A 101 6.78 1.04 3.88
C ASN A 101 7.77 1.74 2.96
N VAL A 102 7.47 2.99 2.68
CA VAL A 102 8.30 3.80 1.79
C VAL A 102 8.92 4.96 2.55
N GLY A 103 9.93 5.57 1.95
CA GLY A 103 10.54 6.75 2.55
C GLY A 103 11.92 6.46 3.08
N SER A 104 12.02 6.29 4.39
CA SER A 104 13.30 6.03 5.03
C SER A 104 13.11 5.18 6.27
N SER A 105 14.21 4.76 6.89
CA SER A 105 14.14 3.96 8.10
C SER A 105 13.76 4.81 9.31
N ILE A 106 14.30 6.03 9.38
CA ILE A 106 14.06 6.92 10.51
C ILE A 106 12.61 7.41 10.52
N LYS A 107 12.01 7.53 9.33
CA LYS A 107 10.60 7.89 9.22
C LYS A 107 9.96 7.03 8.14
N SER A 108 9.14 6.08 8.58
CA SER A 108 8.49 5.15 7.68
C SER A 108 7.13 5.66 7.22
N ILE A 109 6.91 5.70 5.91
CA ILE A 109 5.61 6.06 5.37
C ILE A 109 4.84 4.80 5.02
N LEU A 110 3.80 4.50 5.77
CA LEU A 110 2.99 3.34 5.48
C LEU A 110 1.77 3.72 4.65
N LEU A 111 1.75 3.26 3.41
CA LEU A 111 0.62 3.46 2.53
C LEU A 111 0.34 2.19 1.72
N PRO A 112 -0.93 1.80 1.61
CA PRO A 112 -1.33 0.58 0.89
C PRO A 112 -0.93 0.61 -0.57
N ILE A 113 -0.35 -0.50 -1.02
CA ILE A 113 0.09 -0.65 -2.41
C ILE A 113 -1.11 -0.57 -3.38
N GLU A 114 -2.31 -0.64 -2.81
CA GLU A 114 -3.56 -0.49 -3.55
C GLU A 114 -3.57 0.78 -4.41
N LEU A 115 -3.00 1.85 -3.86
CA LEU A 115 -3.05 3.15 -4.52
C LEU A 115 -1.77 3.40 -5.30
N CYS A 116 -0.90 2.41 -5.32
CA CYS A 116 0.38 2.54 -5.96
C CYS A 116 0.37 1.90 -7.33
N SER A 117 1.16 2.44 -8.22
CA SER A 117 1.37 1.84 -9.52
C SER A 117 2.86 1.62 -9.74
N ILE A 118 3.19 0.53 -10.39
CA ILE A 118 4.57 0.18 -10.63
C ILE A 118 5.01 0.64 -12.03
N GLU A 119 6.23 1.12 -12.13
CA GLU A 119 6.75 1.69 -13.36
C GLU A 119 7.12 0.59 -14.35
N GLU A 120 6.59 0.67 -15.57
CA GLU A 120 6.89 -0.31 -16.60
C GLU A 120 8.23 0.00 -17.24
N ALA A 4 2.67 3.80 -16.08
CA ALA A 4 2.48 3.47 -14.67
C ALA A 4 1.54 2.28 -14.56
N MET A 5 2.12 1.09 -14.60
CA MET A 5 1.34 -0.14 -14.58
C MET A 5 0.77 -0.38 -13.18
N PRO A 6 -0.55 -0.49 -13.04
CA PRO A 6 -1.17 -0.77 -11.75
C PRO A 6 -0.52 -1.97 -11.08
N MET A 7 0.02 -1.76 -9.87
CA MET A 7 0.77 -2.81 -9.19
C MET A 7 -0.12 -4.00 -8.89
N ILE A 8 -1.39 -3.72 -8.62
CA ILE A 8 -2.38 -4.77 -8.43
C ILE A 8 -2.48 -5.65 -9.67
N GLU A 9 -2.41 -5.03 -10.85
CA GLU A 9 -2.48 -5.74 -12.11
C GLU A 9 -1.24 -6.61 -12.31
N TYR A 10 -0.08 -6.05 -11.97
CA TYR A 10 1.18 -6.77 -12.05
C TYR A 10 1.16 -7.98 -11.11
N LEU A 11 0.55 -7.80 -9.96
CA LEU A 11 0.45 -8.87 -8.98
C LEU A 11 -0.53 -9.93 -9.45
N GLU A 12 -1.68 -9.48 -9.90
CA GLU A 12 -2.76 -10.38 -10.33
C GLU A 12 -2.31 -11.30 -11.47
N ARG A 13 -1.80 -10.70 -12.53
CA ARG A 13 -1.51 -11.44 -13.75
C ARG A 13 -0.20 -12.23 -13.66
N PHE A 14 0.81 -11.67 -13.00
CA PHE A 14 2.14 -12.26 -13.01
C PHE A 14 2.48 -12.98 -11.69
N SER A 15 2.27 -12.31 -10.58
CA SER A 15 2.73 -12.82 -9.29
C SER A 15 1.77 -13.86 -8.72
N LEU A 16 0.48 -13.63 -8.87
CA LEU A 16 -0.54 -14.52 -8.30
C LEU A 16 -0.91 -15.64 -9.25
N LYS A 17 -1.09 -15.29 -10.53
CA LYS A 17 -1.67 -16.21 -11.51
C LYS A 17 -3.10 -16.55 -11.08
N ALA A 18 -3.73 -15.55 -10.47
CA ALA A 18 -5.09 -15.63 -9.97
C ALA A 18 -5.63 -14.21 -9.88
N LYS A 19 -6.92 -14.03 -9.65
CA LYS A 19 -7.47 -12.69 -9.69
C LYS A 19 -7.39 -11.99 -8.34
N ILE A 20 -7.10 -10.70 -8.39
CA ILE A 20 -7.02 -9.86 -7.20
C ILE A 20 -8.40 -9.53 -6.68
N ASN A 21 -8.55 -9.62 -5.36
CA ASN A 21 -9.76 -9.19 -4.72
C ASN A 21 -9.51 -9.04 -3.22
N ASN A 22 -10.53 -8.66 -2.47
CA ASN A 22 -10.41 -8.55 -1.01
C ASN A 22 -10.39 -9.94 -0.38
N THR A 23 -10.87 -10.93 -1.13
CA THR A 23 -11.00 -12.29 -0.62
C THR A 23 -9.69 -13.07 -0.69
N THR A 24 -8.78 -12.70 -1.59
CA THR A 24 -7.54 -13.45 -1.76
C THR A 24 -6.60 -13.21 -0.58
N ASN A 25 -5.74 -14.19 -0.32
CA ASN A 25 -4.88 -14.20 0.88
C ASN A 25 -3.71 -13.22 0.75
N LEU A 26 -4.04 -11.95 0.56
CA LEU A 26 -3.04 -10.93 0.35
C LEU A 26 -2.32 -10.55 1.64
N ASP A 27 -2.83 -11.01 2.78
CA ASP A 27 -2.10 -10.82 4.04
C ASP A 27 -0.76 -11.50 3.97
N TYR A 28 -0.80 -12.78 3.65
CA TYR A 28 0.38 -13.60 3.59
C TYR A 28 1.17 -13.31 2.33
N SER A 29 0.48 -12.84 1.30
CA SER A 29 1.13 -12.45 0.06
C SER A 29 1.96 -11.19 0.27
N ARG A 30 1.38 -10.21 0.95
CA ARG A 30 2.08 -8.97 1.26
C ARG A 30 3.30 -9.27 2.15
N ARG A 31 3.21 -10.34 2.93
CA ARG A 31 4.31 -10.73 3.80
C ARG A 31 5.49 -11.27 2.99
N PHE A 32 5.23 -12.10 1.97
CA PHE A 32 6.30 -12.69 1.18
C PHE A 32 6.73 -11.74 0.06
N LEU A 33 5.91 -10.73 -0.18
CA LEU A 33 6.13 -9.75 -1.24
C LEU A 33 7.06 -8.65 -0.74
N GLU A 34 7.33 -8.66 0.56
CA GLU A 34 8.14 -7.63 1.20
C GLU A 34 9.55 -7.56 0.58
N PRO A 35 10.29 -8.69 0.50
CA PRO A 35 11.64 -8.71 -0.07
C PRO A 35 11.65 -8.36 -1.55
N PHE A 36 10.57 -8.73 -2.23
CA PHE A 36 10.44 -8.49 -3.66
C PHE A 36 10.27 -7.01 -3.94
N LEU A 37 9.59 -6.32 -3.03
CA LEU A 37 9.29 -4.92 -3.20
C LEU A 37 10.38 -4.02 -2.62
N ARG A 38 11.25 -4.57 -1.79
CA ARG A 38 12.35 -3.79 -1.25
C ARG A 38 13.32 -3.43 -2.37
N GLY A 39 13.31 -2.16 -2.74
CA GLY A 39 14.19 -1.70 -3.80
C GLY A 39 13.44 -1.48 -5.10
N ILE A 40 12.21 -1.02 -5.01
CA ILE A 40 11.47 -0.68 -6.23
C ILE A 40 11.02 0.76 -6.18
N ASN A 41 10.42 1.25 -7.25
CA ASN A 41 9.81 2.57 -7.25
C ASN A 41 8.37 2.45 -7.70
N VAL A 42 7.46 3.11 -6.99
CA VAL A 42 6.07 3.12 -7.36
C VAL A 42 5.51 4.53 -7.41
N VAL A 43 4.61 4.75 -8.34
CA VAL A 43 3.89 6.00 -8.45
C VAL A 43 2.64 5.92 -7.60
N TYR A 44 2.67 6.60 -6.46
CA TYR A 44 1.55 6.58 -5.54
C TYR A 44 0.57 7.69 -5.89
N THR A 45 -0.63 7.30 -6.29
CA THR A 45 -1.67 8.25 -6.62
C THR A 45 -2.58 8.44 -5.42
N PRO A 46 -2.48 9.60 -4.75
CA PRO A 46 -3.33 9.93 -3.61
C PRO A 46 -4.76 10.17 -4.05
N PRO A 47 -5.73 9.59 -3.32
CA PRO A 47 -7.15 9.80 -3.59
C PRO A 47 -7.49 11.28 -3.67
N GLN A 48 -8.48 11.61 -4.49
CA GLN A 48 -8.75 13.00 -4.87
C GLN A 48 -9.09 13.89 -3.68
N SER A 49 -9.52 13.29 -2.58
CA SER A 49 -9.83 14.05 -1.38
C SER A 49 -8.55 14.45 -0.64
N PHE A 50 -7.43 13.89 -1.06
CA PHE A 50 -6.14 14.23 -0.46
C PHE A 50 -5.53 15.44 -1.15
N GLN A 51 -5.90 15.66 -2.44
CA GLN A 51 -5.49 16.82 -3.25
C GLN A 51 -3.96 16.90 -3.41
N SER A 52 -3.29 15.85 -2.98
CA SER A 52 -1.85 15.71 -3.21
C SER A 52 -1.61 15.09 -4.58
N ALA A 53 -0.52 15.49 -5.22
CA ALA A 53 -0.16 15.02 -6.55
C ALA A 53 0.52 13.67 -6.45
N PRO A 54 0.28 12.77 -7.42
CA PRO A 54 0.91 11.45 -7.47
C PRO A 54 2.43 11.53 -7.31
N ARG A 55 2.93 10.99 -6.20
CA ARG A 55 4.35 11.06 -5.89
C ARG A 55 5.00 9.70 -6.10
N VAL A 56 6.21 9.70 -6.64
CA VAL A 56 6.94 8.46 -6.84
C VAL A 56 7.83 8.17 -5.63
N TYR A 57 7.69 7.00 -5.05
CA TYR A 57 8.45 6.64 -3.86
C TYR A 57 9.32 5.42 -4.10
N ARG A 58 10.45 5.40 -3.41
CA ARG A 58 11.35 4.25 -3.44
C ARG A 58 10.96 3.30 -2.33
N VAL A 59 10.38 2.17 -2.73
CA VAL A 59 9.78 1.24 -1.79
C VAL A 59 10.84 0.42 -1.07
N ASN A 60 10.77 0.45 0.26
CA ASN A 60 11.61 -0.35 1.12
C ASN A 60 10.96 -1.73 1.32
N GLY A 61 9.71 -1.82 0.89
CA GLY A 61 9.02 -3.09 0.90
C GLY A 61 7.63 -3.00 1.47
N LEU A 62 7.26 -3.95 2.32
CA LEU A 62 5.93 -3.99 2.90
C LEU A 62 6.03 -4.10 4.41
N SER A 63 4.99 -3.64 5.10
CA SER A 63 4.97 -3.69 6.56
C SER A 63 4.27 -4.95 7.05
N ARG A 64 4.90 -5.63 8.00
CA ARG A 64 4.37 -6.86 8.60
C ARG A 64 2.99 -6.68 9.26
N ALA A 65 2.54 -5.45 9.41
CA ALA A 65 1.24 -5.20 10.04
C ALA A 65 0.22 -4.68 9.03
N PRO A 66 -0.95 -5.36 8.95
CA PRO A 66 -2.07 -4.93 8.11
C PRO A 66 -2.60 -3.56 8.49
N ALA A 67 -3.12 -2.84 7.49
CA ALA A 67 -3.55 -1.45 7.63
C ALA A 67 -4.68 -1.31 8.64
N SER A 68 -5.42 -2.38 8.88
CA SER A 68 -6.53 -2.34 9.82
C SER A 68 -6.05 -2.59 11.25
N SER A 69 -4.79 -2.96 11.41
CA SER A 69 -4.27 -3.26 12.73
C SER A 69 -3.06 -2.38 13.08
N GLU A 70 -2.44 -1.79 12.06
CA GLU A 70 -1.27 -0.97 12.28
C GLU A 70 -1.67 0.46 12.59
N THR A 71 -1.03 1.03 13.61
CA THR A 71 -1.29 2.38 14.03
C THR A 71 -0.12 3.29 13.72
N PHE A 72 -0.41 4.56 13.54
CA PHE A 72 0.61 5.56 13.28
C PHE A 72 0.12 6.89 13.82
N GLU A 73 1.05 7.79 14.09
CA GLU A 73 0.68 9.05 14.72
C GLU A 73 0.47 10.14 13.68
N HIS A 74 -0.74 10.67 13.67
CA HIS A 74 -1.13 11.72 12.76
C HIS A 74 -1.82 12.82 13.55
N ASP A 75 -1.17 13.99 13.63
CA ASP A 75 -1.67 15.11 14.43
C ASP A 75 -1.71 14.74 15.91
N GLY A 76 -0.76 13.93 16.34
CA GLY A 76 -0.68 13.55 17.74
C GLY A 76 -1.70 12.49 18.11
N LYS A 77 -2.35 11.90 17.11
CA LYS A 77 -3.31 10.84 17.32
C LYS A 77 -2.85 9.57 16.65
N LYS A 78 -3.01 8.44 17.31
CA LYS A 78 -2.70 7.18 16.67
C LYS A 78 -3.95 6.60 16.05
N VAL A 79 -3.90 6.37 14.75
CA VAL A 79 -5.04 5.86 14.01
C VAL A 79 -4.61 4.63 13.23
N THR A 80 -5.56 3.90 12.69
CA THR A 80 -5.25 2.78 11.83
C THR A 80 -5.39 3.23 10.38
N ILE A 81 -4.52 2.74 9.51
CA ILE A 81 -4.45 3.20 8.13
C ILE A 81 -5.74 2.90 7.37
N ALA A 82 -6.43 1.83 7.78
CA ALA A 82 -7.72 1.50 7.19
C ALA A 82 -8.74 2.61 7.42
N SER A 83 -8.85 3.04 8.67
CA SER A 83 -9.78 4.11 9.03
C SER A 83 -9.24 5.46 8.55
N TYR A 84 -7.92 5.54 8.48
CA TYR A 84 -7.22 6.73 8.06
C TYR A 84 -7.60 7.14 6.65
N PHE A 85 -7.58 6.19 5.72
CA PHE A 85 -8.01 6.48 4.36
C PHE A 85 -9.53 6.60 4.29
N HIS A 86 -10.22 5.83 5.14
CA HIS A 86 -11.68 5.79 5.15
C HIS A 86 -12.28 7.17 5.41
N SER A 87 -11.89 7.82 6.51
CA SER A 87 -12.45 9.12 6.87
C SER A 87 -11.95 10.20 5.92
N ARG A 88 -10.88 9.89 5.20
CA ARG A 88 -10.32 10.78 4.19
C ARG A 88 -11.01 10.59 2.84
N ASN A 89 -12.17 9.92 2.90
CA ASN A 89 -13.05 9.72 1.75
C ASN A 89 -12.46 8.77 0.73
N TYR A 90 -11.80 7.73 1.23
CA TYR A 90 -11.36 6.63 0.38
C TYR A 90 -11.49 5.32 1.12
N PRO A 91 -12.63 4.65 0.99
CA PRO A 91 -12.83 3.32 1.55
C PRO A 91 -11.97 2.29 0.83
N LEU A 92 -10.93 1.83 1.51
CA LEU A 92 -9.93 0.94 0.93
C LEU A 92 -10.55 -0.31 0.32
N LYS A 93 -10.02 -0.68 -0.84
CA LYS A 93 -10.42 -1.92 -1.49
C LYS A 93 -9.83 -3.10 -0.75
N PHE A 94 -8.73 -2.87 -0.03
CA PHE A 94 -8.07 -3.89 0.75
C PHE A 94 -7.65 -3.35 2.12
N PRO A 95 -8.61 -2.99 2.98
CA PRO A 95 -8.33 -2.36 4.28
C PRO A 95 -7.72 -3.32 5.30
N GLN A 96 -8.09 -4.59 5.20
CA GLN A 96 -7.66 -5.59 6.17
C GLN A 96 -6.25 -6.08 5.90
N LEU A 97 -5.65 -5.63 4.82
CA LEU A 97 -4.43 -6.25 4.34
C LEU A 97 -3.19 -5.40 4.66
N HIS A 98 -2.02 -6.02 4.52
CA HIS A 98 -0.73 -5.40 4.86
C HIS A 98 -0.45 -4.14 4.05
N CYS A 99 0.29 -3.23 4.67
CA CYS A 99 0.58 -1.94 4.09
C CYS A 99 1.90 -1.94 3.31
N LEU A 100 1.95 -1.05 2.33
CA LEU A 100 3.16 -0.76 1.59
C LEU A 100 4.05 0.13 2.42
N ASN A 101 5.31 -0.23 2.56
CA ASN A 101 6.23 0.53 3.38
C ASN A 101 7.30 1.18 2.52
N VAL A 102 7.19 2.49 2.35
CA VAL A 102 8.16 3.24 1.58
C VAL A 102 8.85 4.28 2.47
N GLY A 103 9.99 4.77 2.02
CA GLY A 103 10.74 5.74 2.80
C GLY A 103 11.96 5.13 3.47
N SER A 104 11.93 5.06 4.79
CA SER A 104 13.07 4.58 5.55
C SER A 104 12.60 3.81 6.79
N SER A 105 13.55 3.27 7.56
CA SER A 105 13.21 2.51 8.75
C SER A 105 12.52 3.41 9.79
N ILE A 106 13.09 4.61 9.99
CA ILE A 106 12.57 5.53 11.00
C ILE A 106 11.34 6.27 10.48
N LYS A 107 11.35 6.62 9.20
CA LYS A 107 10.19 7.23 8.59
C LYS A 107 9.53 6.25 7.63
N SER A 108 8.41 5.69 8.07
CA SER A 108 7.73 4.67 7.30
C SER A 108 6.45 5.21 6.72
N ILE A 109 6.45 5.47 5.43
CA ILE A 109 5.25 5.89 4.74
C ILE A 109 4.45 4.66 4.39
N LEU A 110 3.33 4.47 5.05
CA LEU A 110 2.56 3.25 4.88
C LEU A 110 1.33 3.49 4.02
N LEU A 111 1.31 2.84 2.86
CA LEU A 111 0.23 2.98 1.89
C LEU A 111 -0.43 1.63 1.64
N PRO A 112 -1.47 1.56 0.80
CA PRO A 112 -1.91 0.31 0.19
C PRO A 112 -1.45 0.24 -1.26
N ILE A 113 -1.00 -0.94 -1.68
CA ILE A 113 -0.39 -1.09 -3.00
C ILE A 113 -1.41 -0.88 -4.15
N GLU A 114 -2.70 -0.86 -3.82
CA GLU A 114 -3.74 -0.56 -4.81
C GLU A 114 -3.60 0.87 -5.31
N LEU A 115 -3.05 1.74 -4.47
CA LEU A 115 -2.93 3.15 -4.81
C LEU A 115 -1.56 3.45 -5.40
N CYS A 116 -0.87 2.43 -5.84
CA CYS A 116 0.46 2.60 -6.38
C CYS A 116 0.60 1.83 -7.69
N SER A 117 1.23 2.46 -8.66
CA SER A 117 1.53 1.81 -9.91
C SER A 117 3.04 1.66 -10.06
N ILE A 118 3.47 0.63 -10.75
CA ILE A 118 4.88 0.34 -10.89
C ILE A 118 5.42 0.98 -12.17
N GLU A 119 6.61 1.54 -12.07
CA GLU A 119 7.23 2.25 -13.19
C GLU A 119 7.83 1.28 -14.19
N GLU A 120 7.54 1.50 -15.46
CA GLU A 120 8.07 0.68 -16.54
C GLU A 120 9.57 0.84 -16.67
#